data_6Z01
#
_entry.id   6Z01
#
_cell.length_a   76.200
_cell.length_b   96.590
_cell.length_c   94.560
_cell.angle_alpha   90.000
_cell.angle_beta   113.330
_cell.angle_gamma   90.000
#
_symmetry.space_group_name_H-M   'P 1 21 1'
#
loop_
_entity.id
_entity.type
_entity.pdbx_description
1 polymer 'DNA topoisomerase I'
2 non-polymer 'CHLORIDE ION'
3 water water
#
_entity_poly.entity_id   1
_entity_poly.type   'polypeptide(L)'
_entity_poly.pdbx_seq_one_letter_code
;(MSE)VKWRTLVHNGVALPPPYQPKGLSIKIRGETVKLDPLQEE(MSE)AYAWALKKDTPYVQDPVFQKNFLTDFLKTFN
GRFQDVTINEIDFSEVYEYVERERQLKADKEYRKKISAERKRLREELKARYGWAE(MSE)DGKRFEIANW(MSE)VEPPG
IF(MSE)GRGNHPLRGRWKPRVYEEDITLNLGEDAPVPPGNWGQIVHDHDS(MSE)WLARWDDKLTGKEKYVWLSDTADI
KQKRDKSKYDKAE(MSE)LENHIDRVREKIFKGLRSKEPK(MSE)REIALACYLIDRLA(MSE)RVGDEKDPDEADTVGA
TTLRVEHVKLLEDRIEFDFLGKDSVRWQKSIDLRNEPPEVRQVFEELLEGKKEGDQIFQNINSRHVNRFLGKIVKGLTAK
VFRTYIATKIVKDFLAAIPREKVTSQEKFIYYAKLANLKAAEALNHKRAPPKNWEQSIQKKEERVKKL(MSE)QQLREAE
SEKKKARIAERLEKAELNLDLAVKVRDYNLATSLRNYIDPRVYKAWGRYTGYEWRKIYTASLLRKFKWVEKASVKHVLQY
FAEKLAKDVDKG(MSE)QVKAAV
;
_entity_poly.pdbx_strand_id   A,B
#
loop_
_chem_comp.id
_chem_comp.type
_chem_comp.name
_chem_comp.formula
CL non-polymer 'CHLORIDE ION' 'Cl -1'
#
# COMPACT_ATOMS: atom_id res chain seq x y z
N LYS A 3 10.48 -5.66 -16.22
CA LYS A 3 9.17 -6.07 -15.72
C LYS A 3 9.19 -6.36 -14.22
N TRP A 4 8.52 -5.52 -13.41
CA TRP A 4 8.16 -6.00 -12.09
C TRP A 4 7.02 -7.02 -12.23
N ARG A 5 6.85 -7.85 -11.20
CA ARG A 5 5.81 -8.87 -11.15
C ARG A 5 4.69 -8.50 -10.19
N THR A 6 5.05 -8.01 -9.01
CA THR A 6 4.06 -7.50 -8.09
C THR A 6 4.47 -6.10 -7.65
N LEU A 7 3.47 -5.28 -7.34
CA LEU A 7 3.73 -3.90 -6.94
C LEU A 7 2.58 -3.47 -6.05
N VAL A 8 2.89 -3.13 -4.80
CA VAL A 8 1.91 -2.81 -3.77
C VAL A 8 2.32 -1.51 -3.08
N HIS A 9 1.38 -0.59 -2.94
CA HIS A 9 1.60 0.63 -2.16
C HIS A 9 0.24 1.23 -1.84
N ASN A 10 0.24 2.29 -1.05
CA ASN A 10 -0.97 2.91 -0.52
C ASN A 10 -1.36 4.19 -1.28
N GLY A 11 -0.85 4.40 -2.50
CA GLY A 11 -1.12 5.64 -3.21
C GLY A 11 -0.32 6.82 -2.65
N VAL A 12 -0.93 8.02 -2.71
CA VAL A 12 -0.23 9.24 -2.35
C VAL A 12 -1.07 10.03 -1.35
N ALA A 13 -0.40 10.91 -0.61
CA ALA A 13 -1.05 11.72 0.42
C ALA A 13 -1.43 13.06 -0.19
N LEU A 14 -2.71 13.38 -0.11
CA LEU A 14 -3.20 14.62 -0.71
C LEU A 14 -3.07 15.78 0.28
N PRO A 15 -2.97 17.01 -0.22
CA PRO A 15 -2.74 18.15 0.68
C PRO A 15 -3.98 18.44 1.52
N PRO A 16 -3.78 19.04 2.70
CA PRO A 16 -4.94 19.42 3.51
C PRO A 16 -5.74 20.51 2.84
N PRO A 17 -7.06 20.53 3.03
CA PRO A 17 -7.87 21.62 2.45
C PRO A 17 -7.54 22.98 3.05
N TYR A 18 -7.79 24.02 2.26
CA TYR A 18 -7.55 25.38 2.69
C TYR A 18 -8.57 25.79 3.76
N GLN A 19 -8.13 26.50 4.81
CA GLN A 19 -9.05 26.90 5.87
C GLN A 19 -9.41 28.38 5.71
N PRO A 20 -10.63 28.72 5.33
CA PRO A 20 -10.96 30.13 5.10
C PRO A 20 -10.87 30.92 6.39
N LYS A 21 -10.62 32.22 6.24
CA LYS A 21 -10.38 33.11 7.36
C LYS A 21 -11.34 34.28 7.39
N GLY A 22 -12.26 34.38 6.44
CA GLY A 22 -13.20 35.48 6.38
C GLY A 22 -12.57 36.82 6.03
N LEU A 23 -11.44 36.82 5.34
CA LEU A 23 -10.73 38.05 5.01
C LEU A 23 -11.37 38.74 3.81
N SER A 24 -11.08 40.03 3.67
CA SER A 24 -11.57 40.84 2.57
C SER A 24 -10.42 41.66 2.02
N ILE A 25 -10.61 42.16 0.79
CA ILE A 25 -9.69 43.10 0.18
C ILE A 25 -10.50 44.31 -0.29
N LYS A 26 -9.79 45.33 -0.78
CA LYS A 26 -10.42 46.48 -1.42
C LYS A 26 -9.93 46.61 -2.86
N ILE A 27 -10.87 46.79 -3.77
CA ILE A 27 -10.56 47.05 -5.18
C ILE A 27 -11.22 48.37 -5.54
N ARG A 28 -10.40 49.38 -5.84
CA ARG A 28 -10.88 50.73 -6.14
C ARG A 28 -11.70 51.31 -4.99
N GLY A 29 -11.27 51.01 -3.77
CA GLY A 29 -11.96 51.45 -2.58
C GLY A 29 -13.14 50.60 -2.16
N GLU A 30 -13.67 49.77 -3.05
CA GLU A 30 -14.81 48.93 -2.73
C GLU A 30 -14.34 47.68 -1.98
N THR A 31 -14.85 47.49 -0.77
CA THR A 31 -14.55 46.27 -0.02
C THR A 31 -15.20 45.07 -0.70
N VAL A 32 -14.42 44.02 -0.91
CA VAL A 32 -14.89 42.80 -1.55
C VAL A 32 -14.60 41.64 -0.61
N LYS A 33 -15.63 40.86 -0.29
CA LYS A 33 -15.49 39.69 0.54
C LYS A 33 -14.99 38.53 -0.33
N LEU A 34 -13.93 37.87 0.12
CA LEU A 34 -13.28 36.82 -0.67
C LEU A 34 -13.92 35.47 -0.39
N ASP A 35 -14.25 34.75 -1.46
CA ASP A 35 -14.67 33.36 -1.32
C ASP A 35 -13.42 32.52 -1.02
N PRO A 36 -13.60 31.22 -0.71
CA PRO A 36 -12.42 30.41 -0.31
C PRO A 36 -11.25 30.43 -1.30
N LEU A 37 -11.50 30.24 -2.60
CA LEU A 37 -10.36 30.16 -3.54
C LEU A 37 -9.69 31.52 -3.69
N GLN A 38 -10.47 32.60 -3.78
CA GLN A 38 -9.89 33.93 -3.88
C GLN A 38 -9.04 34.24 -2.66
N GLU A 39 -9.54 33.93 -1.47
CA GLU A 39 -8.75 34.15 -0.25
C GLU A 39 -7.48 33.32 -0.27
N GLU A 40 -7.58 32.05 -0.67
CA GLU A 40 -6.39 31.20 -0.73
C GLU A 40 -5.31 31.87 -1.59
N MSE A 41 -5.69 32.37 -2.75
CA MSE A 41 -4.75 33.03 -3.64
C MSE A 41 -4.26 34.36 -3.09
O MSE A 41 -3.08 34.67 -3.15
CB MSE A 41 -5.40 33.23 -5.01
CG MSE A 41 -5.80 31.93 -5.66
SE MSE A 41 -6.59 32.27 -7.42
CE MSE A 41 -5.23 33.43 -8.07
N ALA A 42 -5.20 35.16 -2.56
CA ALA A 42 -4.79 36.41 -1.93
C ALA A 42 -3.81 36.17 -0.80
N TYR A 43 -4.04 35.12 -0.01
CA TYR A 43 -3.15 34.84 1.11
C TYR A 43 -1.76 34.41 0.63
N ALA A 44 -1.70 33.63 -0.46
CA ALA A 44 -0.43 33.26 -1.05
C ALA A 44 0.33 34.49 -1.51
N TRP A 45 -0.36 35.43 -2.16
CA TRP A 45 0.26 36.68 -2.59
C TRP A 45 0.76 37.47 -1.39
N ALA A 46 -0.04 37.52 -0.32
CA ALA A 46 0.37 38.24 0.87
C ALA A 46 1.59 37.62 1.53
N LEU A 47 1.74 36.29 1.47
CA LEU A 47 2.93 35.65 2.00
C LEU A 47 4.21 36.13 1.31
N LYS A 48 4.12 36.66 0.09
CA LYS A 48 5.28 37.15 -0.64
C LYS A 48 5.38 38.67 -0.61
N LYS A 49 4.61 39.33 0.26
CA LYS A 49 4.50 40.78 0.24
C LYS A 49 5.84 41.49 0.39
N ASP A 50 6.83 40.85 1.04
CA ASP A 50 8.12 41.48 1.28
C ASP A 50 9.23 40.90 0.41
N THR A 51 8.87 40.30 -0.71
CA THR A 51 9.81 39.71 -1.63
C THR A 51 9.85 40.51 -2.93
N PRO A 52 10.89 40.34 -3.75
CA PRO A 52 10.91 41.01 -5.06
C PRO A 52 9.82 40.54 -6.00
N TYR A 53 9.38 39.28 -5.87
CA TYR A 53 8.47 38.70 -6.87
C TYR A 53 7.25 39.57 -7.09
N VAL A 54 6.68 40.11 -6.01
CA VAL A 54 5.46 40.89 -6.14
C VAL A 54 5.71 42.25 -6.78
N GLN A 55 6.96 42.61 -7.04
CA GLN A 55 7.32 43.81 -7.78
C GLN A 55 7.59 43.52 -9.26
N ASP A 56 7.56 42.26 -9.67
CA ASP A 56 7.91 41.86 -11.04
C ASP A 56 6.66 41.96 -11.90
N PRO A 57 6.65 42.81 -12.93
CA PRO A 57 5.43 42.97 -13.73
C PRO A 57 4.94 41.68 -14.39
N VAL A 58 5.84 40.77 -14.76
CA VAL A 58 5.42 39.50 -15.33
C VAL A 58 4.76 38.65 -14.27
N PHE A 59 5.39 38.56 -13.10
CA PHE A 59 4.83 37.85 -11.96
C PHE A 59 3.43 38.38 -11.63
N GLN A 60 3.28 39.71 -11.59
CA GLN A 60 1.99 40.33 -11.30
C GLN A 60 0.94 39.96 -12.35
N LYS A 61 1.28 40.12 -13.63
CA LYS A 61 0.31 39.84 -14.68
C LYS A 61 -0.15 38.39 -14.63
N ASN A 62 0.79 37.47 -14.44
CA ASN A 62 0.44 36.05 -14.34
C ASN A 62 -0.46 35.78 -13.14
N PHE A 63 -0.10 36.35 -11.99
CA PHE A 63 -0.95 36.17 -10.81
C PHE A 63 -2.35 36.73 -11.04
N LEU A 64 -2.44 37.94 -11.61
CA LEU A 64 -3.75 38.55 -11.84
C LEU A 64 -4.58 37.79 -12.87
N THR A 65 -3.92 37.13 -13.83
CA THR A 65 -4.65 36.34 -14.81
C THR A 65 -5.50 35.28 -14.13
N ASP A 66 -4.94 34.58 -13.15
CA ASP A 66 -5.72 33.57 -12.44
C ASP A 66 -6.60 34.21 -11.38
N PHE A 67 -6.15 35.30 -10.76
CA PHE A 67 -6.92 35.89 -9.66
C PHE A 67 -8.20 36.53 -10.16
N LEU A 68 -8.10 37.40 -11.16
CA LEU A 68 -9.31 38.07 -11.68
C LEU A 68 -10.28 37.07 -12.29
N LYS A 69 -9.79 35.93 -12.79
CA LYS A 69 -10.67 34.90 -13.33
C LYS A 69 -11.67 34.42 -12.28
N THR A 70 -11.33 34.51 -11.00
CA THR A 70 -12.25 34.05 -9.97
C THR A 70 -13.46 34.97 -9.83
N PHE A 71 -13.30 36.28 -10.08
CA PHE A 71 -14.41 37.23 -10.12
C PHE A 71 -14.93 37.22 -11.54
N ASN A 72 -15.90 36.35 -11.83
CA ASN A 72 -16.11 35.94 -13.22
C ASN A 72 -16.65 37.08 -14.09
N GLY A 73 -17.52 37.93 -13.56
CA GLY A 73 -18.00 39.05 -14.35
C GLY A 73 -17.23 40.32 -14.09
N ARG A 74 -17.19 40.71 -12.82
CA ARG A 74 -16.63 42.00 -12.43
C ARG A 74 -15.10 41.98 -12.51
N PHE A 75 -14.52 43.18 -12.51
CA PHE A 75 -13.11 43.44 -12.24
C PHE A 75 -12.16 42.85 -13.28
N GLN A 76 -12.65 42.34 -14.41
CA GLN A 76 -11.77 41.74 -15.43
C GLN A 76 -10.78 42.73 -16.03
N ASP A 77 -10.81 43.99 -15.58
CA ASP A 77 -9.96 45.06 -16.07
C ASP A 77 -8.95 45.54 -15.02
N VAL A 78 -8.98 44.95 -13.84
CA VAL A 78 -8.24 45.49 -12.70
C VAL A 78 -6.74 45.26 -12.89
N THR A 79 -5.95 46.23 -12.46
CA THR A 79 -4.50 46.07 -12.38
C THR A 79 -4.09 46.04 -10.92
N ILE A 80 -2.85 45.59 -10.69
CA ILE A 80 -2.41 45.19 -9.36
C ILE A 80 -2.43 46.37 -8.38
N ASN A 81 -2.17 47.59 -8.86
CA ASN A 81 -2.13 48.73 -7.95
C ASN A 81 -3.52 49.16 -7.50
N GLU A 82 -4.58 48.68 -8.16
CA GLU A 82 -5.94 48.98 -7.74
C GLU A 82 -6.45 48.05 -6.65
N ILE A 83 -5.63 47.16 -6.10
CA ILE A 83 -6.05 46.18 -5.10
C ILE A 83 -5.34 46.50 -3.79
N ASP A 84 -6.13 46.63 -2.72
CA ASP A 84 -5.61 46.90 -1.39
C ASP A 84 -5.62 45.59 -0.60
N PHE A 85 -4.45 44.99 -0.43
CA PHE A 85 -4.27 43.74 0.28
C PHE A 85 -3.96 43.92 1.75
N SER A 86 -4.07 45.15 2.28
CA SER A 86 -3.57 45.44 3.63
C SER A 86 -4.22 44.55 4.68
N GLU A 87 -5.52 44.27 4.55
CA GLU A 87 -6.18 43.39 5.51
C GLU A 87 -5.55 42.00 5.51
N VAL A 88 -5.24 41.46 4.32
CA VAL A 88 -4.57 40.17 4.27
C VAL A 88 -3.13 40.30 4.76
N TYR A 89 -2.46 41.38 4.40
CA TYR A 89 -1.13 41.65 4.94
C TYR A 89 -1.14 41.64 6.46
N GLU A 90 -2.15 42.28 7.06
CA GLU A 90 -2.21 42.38 8.51
C GLU A 90 -2.40 41.00 9.16
N TYR A 91 -3.26 40.17 8.59
CA TYR A 91 -3.43 38.82 9.10
C TYR A 91 -2.11 38.04 9.05
N VAL A 92 -1.44 38.09 7.90
CA VAL A 92 -0.13 37.44 7.76
C VAL A 92 0.84 37.95 8.82
N GLU A 93 0.95 39.27 8.97
CA GLU A 93 1.90 39.79 9.96
C GLU A 93 1.52 39.37 11.37
N ARG A 94 0.23 39.40 11.68
CA ARG A 94 -0.24 38.95 12.98
C ARG A 94 0.13 37.50 13.24
N GLU A 95 -0.11 36.62 12.26
CA GLU A 95 0.18 35.20 12.45
C GLU A 95 1.67 34.93 12.53
N ARG A 96 2.50 35.70 11.84
CA ARG A 96 3.93 35.42 11.89
C ARG A 96 4.53 35.94 13.19
N GLN A 97 4.10 37.13 13.63
CA GLN A 97 4.47 37.62 14.96
C GLN A 97 4.00 36.67 16.05
N LEU A 98 2.85 36.02 15.85
CA LEU A 98 2.40 34.97 16.76
C LEU A 98 3.40 33.82 16.79
N LYS A 99 4.01 33.49 15.66
CA LYS A 99 4.97 32.39 15.60
C LYS A 99 6.28 32.73 16.29
N ALA A 100 6.53 34.00 16.61
CA ALA A 100 7.74 34.42 17.30
C ALA A 100 7.80 33.99 18.76
N ASP A 101 6.89 33.15 19.26
CA ASP A 101 6.91 32.79 20.68
C ASP A 101 7.37 31.36 20.87
N LYS A 102 6.52 30.39 20.56
CA LYS A 102 6.87 28.98 20.78
C LYS A 102 6.40 28.13 19.62
N GLU A 103 7.36 27.50 18.94
CA GLU A 103 7.01 26.40 18.05
C GLU A 103 7.92 25.20 18.30
N TYR A 104 9.15 25.45 18.70
CA TYR A 104 10.08 24.37 18.94
C TYR A 104 9.95 23.81 20.35
N ARG A 105 8.87 24.14 21.02
CA ARG A 105 8.47 23.56 22.29
C ARG A 105 7.52 22.39 22.07
N LYS A 106 7.08 21.84 23.20
CA LYS A 106 6.45 20.53 23.14
C LYS A 106 5.03 20.60 22.60
N LYS A 107 4.45 21.80 22.49
CA LYS A 107 3.12 21.89 21.92
C LYS A 107 3.13 21.49 20.45
N ILE A 108 4.14 21.95 19.71
CA ILE A 108 4.32 21.63 18.29
C ILE A 108 5.64 20.85 18.08
N SER A 109 6.17 20.22 19.12
CA SER A 109 7.36 19.38 18.91
C SER A 109 7.02 17.89 18.78
N ALA A 110 6.68 17.22 19.91
CA ALA A 110 6.41 15.77 19.86
C ALA A 110 5.26 15.44 18.92
N GLU A 111 4.20 16.26 18.97
CA GLU A 111 2.99 15.92 18.24
C GLU A 111 3.20 16.11 16.74
N ARG A 112 3.69 17.29 16.32
CA ARG A 112 4.18 17.47 14.96
C ARG A 112 5.09 16.31 14.52
N LYS A 113 6.05 15.91 15.36
CA LYS A 113 6.89 14.76 15.05
C LYS A 113 6.06 13.48 14.87
N ARG A 114 5.10 13.23 15.77
CA ARG A 114 4.37 11.96 15.74
C ARG A 114 3.52 11.84 14.48
N LEU A 115 2.78 12.90 14.14
CA LEU A 115 1.93 12.86 12.95
C LEU A 115 2.76 12.72 11.68
N ARG A 116 3.92 13.39 11.64
CA ARG A 116 4.80 13.26 10.49
C ARG A 116 5.20 11.80 10.27
N GLU A 117 5.61 11.13 11.35
CA GLU A 117 6.02 9.73 11.24
C GLU A 117 4.84 8.85 10.87
N GLU A 118 3.66 9.20 11.38
CA GLU A 118 2.45 8.45 11.08
C GLU A 118 2.13 8.48 9.58
N LEU A 119 2.19 9.66 8.96
CA LEU A 119 1.94 9.74 7.52
C LEU A 119 3.02 9.00 6.74
N LYS A 120 4.28 9.13 7.15
CA LYS A 120 5.36 8.41 6.48
C LYS A 120 5.16 6.90 6.56
N ALA A 121 4.72 6.41 7.72
CA ALA A 121 4.46 4.98 7.82
C ALA A 121 3.30 4.57 6.91
N ARG A 122 2.35 5.47 6.69
CA ARG A 122 1.17 5.12 5.89
C ARG A 122 1.45 5.09 4.39
N TYR A 123 2.25 6.03 3.90
CA TYR A 123 2.45 6.23 2.47
C TYR A 123 3.88 6.05 1.98
N GLY A 124 4.85 5.92 2.87
CA GLY A 124 6.24 5.97 2.45
C GLY A 124 6.87 4.69 1.94
N TRP A 125 6.14 3.60 1.86
CA TRP A 125 6.69 2.28 1.59
C TRP A 125 5.90 1.58 0.49
N ALA A 126 6.63 1.00 -0.46
CA ALA A 126 6.05 0.15 -1.49
C ALA A 126 6.66 -1.24 -1.38
N GLU A 127 5.96 -2.25 -1.87
CA GLU A 127 6.54 -3.58 -1.99
C GLU A 127 6.61 -3.94 -3.46
N MSE A 128 7.81 -4.25 -3.93
CA MSE A 128 7.99 -4.62 -5.33
C MSE A 128 8.65 -5.98 -5.44
O MSE A 128 9.76 -6.19 -4.93
CB MSE A 128 8.81 -3.55 -6.06
CG MSE A 128 8.57 -3.52 -7.57
SE MSE A 128 9.93 -2.51 -8.53
CE MSE A 128 11.36 -3.81 -8.33
N ASP A 129 7.96 -6.93 -6.07
CA ASP A 129 8.44 -8.31 -6.14
C ASP A 129 8.83 -8.84 -4.75
N GLY A 130 8.04 -8.47 -3.74
CA GLY A 130 8.23 -8.96 -2.39
C GLY A 130 9.29 -8.23 -1.58
N LYS A 131 9.94 -7.22 -2.13
CA LYS A 131 10.92 -6.43 -1.39
C LYS A 131 10.36 -5.05 -1.08
N ARG A 132 10.63 -4.57 0.13
CA ARG A 132 10.12 -3.28 0.56
C ARG A 132 11.10 -2.18 0.20
N PHE A 133 10.56 -1.06 -0.29
CA PHE A 133 11.34 0.07 -0.82
C PHE A 133 10.68 1.35 -0.35
N GLU A 134 11.51 2.32 0.00
CA GLU A 134 11.03 3.64 0.34
C GLU A 134 10.58 4.38 -0.90
N ILE A 135 9.42 5.04 -0.80
CA ILE A 135 8.88 5.87 -1.86
C ILE A 135 9.42 7.29 -1.68
N ALA A 136 9.90 7.88 -2.75
CA ALA A 136 10.60 9.15 -2.59
C ALA A 136 9.65 10.33 -2.36
N ASN A 137 8.63 10.48 -3.20
CA ASN A 137 7.84 11.71 -3.22
C ASN A 137 6.34 11.37 -3.16
N TRP A 138 5.92 10.80 -2.03
CA TRP A 138 4.54 10.36 -1.86
C TRP A 138 3.58 11.48 -1.47
N MSE A 139 4.08 12.68 -1.18
CA MSE A 139 3.20 13.80 -0.89
C MSE A 139 2.89 14.56 -2.15
O MSE A 139 3.79 14.90 -2.92
CB MSE A 139 3.83 14.78 0.11
CG MSE A 139 4.27 14.15 1.40
SE MSE A 139 5.27 15.51 2.42
CE MSE A 139 3.81 16.78 2.55
N VAL A 140 1.62 14.81 -2.38
CA VAL A 140 1.19 15.74 -3.42
C VAL A 140 1.34 17.15 -2.86
N GLU A 141 2.10 18.00 -3.55
CA GLU A 141 2.31 19.35 -3.05
C GLU A 141 1.01 20.16 -3.08
N PRO A 142 0.82 21.04 -2.11
CA PRO A 142 -0.38 21.89 -2.08
C PRO A 142 -0.37 22.89 -3.23
N PRO A 143 -1.51 23.47 -3.54
CA PRO A 143 -1.54 24.54 -4.56
C PRO A 143 -0.82 25.77 -4.05
N GLY A 144 -0.45 26.65 -4.98
CA GLY A 144 0.30 27.84 -4.63
C GLY A 144 0.72 28.58 -5.88
N ILE A 145 1.51 29.63 -5.67
CA ILE A 145 2.01 30.44 -6.77
C ILE A 145 3.26 29.79 -7.38
N PHE A 146 3.25 29.63 -8.69
CA PHE A 146 4.34 28.94 -9.36
C PHE A 146 5.57 29.82 -9.45
N MSE A 147 6.73 29.21 -9.25
CA MSE A 147 8.01 29.88 -9.51
C MSE A 147 9.01 28.89 -10.07
O MSE A 147 8.97 27.71 -9.73
CB MSE A 147 8.60 30.47 -8.23
CG MSE A 147 7.62 31.19 -7.34
SE MSE A 147 8.63 32.32 -6.11
CE MSE A 147 8.75 31.08 -4.59
N GLY A 148 9.92 29.37 -10.90
CA GLY A 148 11.03 28.58 -11.40
C GLY A 148 12.34 29.11 -10.88
N ARG A 149 13.36 29.17 -11.72
CA ARG A 149 14.67 29.67 -11.32
C ARG A 149 14.80 31.19 -11.36
N GLY A 150 13.78 31.91 -11.79
CA GLY A 150 13.86 33.36 -11.81
C GLY A 150 13.27 34.00 -13.05
N ASN A 151 13.39 33.34 -14.21
CA ASN A 151 12.88 33.88 -15.46
C ASN A 151 11.88 32.93 -16.13
N HIS A 152 11.16 32.11 -15.37
CA HIS A 152 10.18 31.21 -15.98
C HIS A 152 9.00 32.01 -16.53
N PRO A 153 8.55 31.75 -17.75
CA PRO A 153 7.40 32.50 -18.31
C PRO A 153 6.08 32.35 -17.55
N LEU A 154 5.89 31.31 -16.74
CA LEU A 154 4.66 31.15 -15.99
C LEU A 154 4.81 31.60 -14.53
N ARG A 155 5.90 32.25 -14.17
CA ARG A 155 6.07 32.68 -12.78
C ARG A 155 4.94 33.63 -12.39
N GLY A 156 4.37 33.39 -11.20
CA GLY A 156 3.22 34.10 -10.71
C GLY A 156 1.90 33.43 -10.99
N ARG A 157 1.85 32.47 -11.93
CA ARG A 157 0.63 31.75 -12.20
C ARG A 157 0.29 30.85 -11.00
N TRP A 158 -0.99 30.56 -10.87
CA TRP A 158 -1.48 29.69 -9.81
C TRP A 158 -1.30 28.22 -10.21
N LYS A 159 -0.82 27.41 -9.27
CA LYS A 159 -0.74 25.96 -9.42
C LYS A 159 -1.99 25.35 -8.83
N PRO A 160 -2.94 24.88 -9.63
CA PRO A 160 -4.24 24.47 -9.07
C PRO A 160 -4.16 23.18 -8.26
N ARG A 161 -5.07 23.09 -7.29
CA ARG A 161 -5.10 21.93 -6.38
C ARG A 161 -5.35 20.64 -7.15
N VAL A 162 -4.60 19.58 -6.77
CA VAL A 162 -4.74 18.25 -7.34
C VAL A 162 -5.59 17.39 -6.40
N TYR A 163 -6.47 16.56 -6.97
CA TYR A 163 -7.38 15.70 -6.23
C TYR A 163 -7.12 14.24 -6.54
N GLU A 164 -7.65 13.38 -5.66
CA GLU A 164 -7.55 11.93 -5.90
C GLU A 164 -8.04 11.59 -7.31
N GLU A 165 -9.13 12.22 -7.75
CA GLU A 165 -9.71 11.90 -9.05
C GLU A 165 -8.78 12.24 -10.21
N ASP A 166 -7.76 13.07 -9.97
CA ASP A 166 -6.79 13.41 -11.01
C ASP A 166 -5.68 12.38 -11.14
N ILE A 167 -5.59 11.42 -10.22
CA ILE A 167 -4.38 10.64 -10.03
C ILE A 167 -4.56 9.22 -10.55
N THR A 168 -3.56 8.72 -11.28
CA THR A 168 -3.49 7.33 -11.69
C THR A 168 -2.50 6.59 -10.79
N LEU A 169 -2.91 5.44 -10.26
CA LEU A 169 -2.00 4.58 -9.53
C LEU A 169 -1.55 3.43 -10.43
N ASN A 170 -0.29 3.03 -10.31
CA ASN A 170 0.26 1.83 -10.94
C ASN A 170 0.40 0.76 -9.87
N LEU A 171 -0.28 -0.36 -10.04
CA LEU A 171 -0.36 -1.41 -9.03
C LEU A 171 -0.43 -2.76 -9.71
N GLY A 172 -0.01 -3.80 -9.00
CA GLY A 172 -0.22 -5.15 -9.50
C GLY A 172 -1.69 -5.44 -9.68
N GLU A 173 -1.99 -6.32 -10.65
CA GLU A 173 -3.38 -6.71 -10.93
C GLU A 173 -4.13 -7.14 -9.67
N ASP A 174 -3.47 -7.85 -8.77
CA ASP A 174 -4.16 -8.34 -7.58
C ASP A 174 -3.69 -7.66 -6.31
N ALA A 175 -2.99 -6.53 -6.43
CA ALA A 175 -2.67 -5.74 -5.26
C ALA A 175 -3.94 -5.10 -4.70
N PRO A 176 -4.01 -4.90 -3.38
CA PRO A 176 -5.16 -4.18 -2.81
C PRO A 176 -5.28 -2.79 -3.40
N VAL A 177 -6.52 -2.36 -3.62
CA VAL A 177 -6.78 -1.00 -4.10
C VAL A 177 -6.80 -0.08 -2.87
N PRO A 178 -5.85 0.84 -2.73
CA PRO A 178 -5.83 1.69 -1.55
C PRO A 178 -7.04 2.59 -1.50
N PRO A 179 -7.52 2.94 -0.31
CA PRO A 179 -8.65 3.86 -0.21
C PRO A 179 -8.41 5.14 -1.01
N GLY A 180 -9.49 5.68 -1.54
CA GLY A 180 -9.44 6.93 -2.30
C GLY A 180 -10.21 6.83 -3.60
N ASN A 181 -10.64 7.97 -4.10
CA ASN A 181 -11.41 8.01 -5.34
C ASN A 181 -10.47 8.25 -6.54
N TRP A 182 -9.56 7.30 -6.75
CA TRP A 182 -8.50 7.49 -7.75
C TRP A 182 -9.08 7.59 -9.15
N GLY A 183 -8.47 8.44 -9.98
CA GLY A 183 -8.93 8.57 -11.35
C GLY A 183 -8.83 7.26 -12.13
N GLN A 184 -7.77 6.50 -11.89
CA GLN A 184 -7.52 5.30 -12.67
C GLN A 184 -6.50 4.44 -11.93
N ILE A 185 -6.66 3.13 -12.06
CA ILE A 185 -5.67 2.15 -11.60
C ILE A 185 -5.20 1.41 -12.84
N VAL A 186 -3.91 1.50 -13.13
CA VAL A 186 -3.32 0.72 -14.21
C VAL A 186 -2.40 -0.34 -13.61
N HIS A 187 -2.04 -1.31 -14.44
CA HIS A 187 -1.17 -2.42 -14.08
C HIS A 187 -0.06 -2.48 -15.14
N ASP A 188 0.82 -1.48 -15.12
CA ASP A 188 1.80 -1.32 -16.20
C ASP A 188 3.14 -1.86 -15.71
N HIS A 189 3.39 -3.14 -16.01
CA HIS A 189 4.60 -3.81 -15.57
C HIS A 189 5.86 -3.25 -16.23
N ASP A 190 5.72 -2.46 -17.30
CA ASP A 190 6.83 -1.81 -18.00
C ASP A 190 7.20 -0.47 -17.40
N SER A 191 6.46 0.03 -16.41
CA SER A 191 6.69 1.36 -15.85
C SER A 191 7.04 1.23 -14.37
N MSE A 192 8.07 1.93 -13.94
CA MSE A 192 8.48 1.86 -12.54
C MSE A 192 7.78 2.88 -11.64
O MSE A 192 7.96 2.84 -10.41
CB MSE A 192 10.01 2.08 -12.42
CG MSE A 192 10.84 0.96 -13.01
SE MSE A 192 12.78 1.33 -12.81
CE MSE A 192 12.75 3.28 -12.79
N TRP A 193 7.03 3.83 -12.22
CA TRP A 193 6.39 4.85 -11.40
C TRP A 193 5.20 4.24 -10.68
N LEU A 194 4.86 4.85 -9.54
CA LEU A 194 3.78 4.35 -8.69
C LEU A 194 2.49 5.13 -8.86
N ALA A 195 2.60 6.40 -9.25
CA ALA A 195 1.46 7.29 -9.40
C ALA A 195 1.84 8.34 -10.42
N ARG A 196 0.82 8.91 -11.05
CA ARG A 196 1.00 9.85 -12.16
C ARG A 196 -0.21 10.80 -12.20
N TRP A 197 0.07 12.07 -12.49
CA TRP A 197 -1.02 13.01 -12.78
C TRP A 197 -0.44 14.16 -13.60
N ASP A 198 -1.31 14.91 -14.24
CA ASP A 198 -0.88 16.06 -15.02
C ASP A 198 -0.80 17.27 -14.10
N ASP A 199 0.32 17.97 -14.17
CA ASP A 199 0.39 19.29 -13.58
C ASP A 199 -0.67 20.18 -14.22
N LYS A 200 -1.52 20.79 -13.39
CA LYS A 200 -2.65 21.52 -13.92
C LYS A 200 -2.28 22.92 -14.40
N LEU A 201 -1.02 23.33 -14.22
CA LEU A 201 -0.51 24.57 -14.80
C LEU A 201 0.41 24.30 -15.99
N THR A 202 1.50 23.57 -15.78
CA THR A 202 2.53 23.48 -16.82
C THR A 202 2.24 22.40 -17.85
N GLY A 203 1.28 21.50 -17.59
CA GLY A 203 1.03 20.34 -18.43
C GLY A 203 2.05 19.21 -18.31
N LYS A 204 3.09 19.37 -17.50
CA LYS A 204 4.07 18.31 -17.34
C LYS A 204 3.48 17.13 -16.58
N GLU A 205 3.80 15.91 -16.99
CA GLU A 205 3.35 14.75 -16.24
C GLU A 205 4.22 14.57 -14.99
N LYS A 206 3.54 14.39 -13.85
CA LYS A 206 4.19 14.26 -12.55
C LYS A 206 4.17 12.78 -12.16
N TYR A 207 5.31 12.28 -11.69
CA TYR A 207 5.41 10.86 -11.34
C TYR A 207 5.88 10.69 -9.89
N VAL A 208 5.42 9.61 -9.25
CA VAL A 208 5.90 9.20 -7.93
C VAL A 208 6.84 8.02 -8.14
N TRP A 209 8.06 8.12 -7.59
CA TRP A 209 9.11 7.12 -7.79
C TRP A 209 9.60 6.55 -6.47
N LEU A 210 10.18 5.35 -6.53
CA LEU A 210 10.95 4.85 -5.40
C LEU A 210 12.20 5.71 -5.19
N SER A 211 12.63 5.80 -3.93
CA SER A 211 13.85 6.55 -3.59
C SER A 211 15.05 6.02 -4.38
N ASP A 212 15.23 4.71 -4.45
CA ASP A 212 16.38 4.17 -5.19
C ASP A 212 16.05 4.04 -6.67
N THR A 213 15.99 5.19 -7.31
CA THR A 213 15.87 5.29 -8.75
C THR A 213 16.79 6.38 -9.26
N ALA A 214 17.22 6.20 -10.51
CA ALA A 214 17.89 7.26 -11.25
C ALA A 214 17.02 8.50 -11.36
N ASP A 215 15.69 8.32 -11.51
CA ASP A 215 14.82 9.46 -11.68
C ASP A 215 14.90 10.39 -10.47
N ILE A 216 14.90 9.82 -9.27
CA ILE A 216 14.91 10.66 -8.07
C ILE A 216 16.32 11.19 -7.81
N LYS A 217 17.34 10.35 -7.96
CA LYS A 217 18.72 10.81 -7.72
C LYS A 217 19.05 12.01 -8.61
N GLN A 218 18.75 11.90 -9.91
CA GLN A 218 18.99 12.98 -10.85
C GLN A 218 18.20 14.23 -10.49
N LYS A 219 16.93 14.04 -10.11
CA LYS A 219 16.08 15.18 -9.77
C LYS A 219 16.60 15.90 -8.54
N ARG A 220 17.03 15.14 -7.53
CA ARG A 220 17.58 15.76 -6.32
C ARG A 220 18.93 16.41 -6.58
N ASP A 221 19.74 15.83 -7.48
CA ASP A 221 21.03 16.45 -7.79
C ASP A 221 20.84 17.80 -8.48
N LYS A 222 19.99 17.83 -9.50
CA LYS A 222 19.73 19.07 -10.24
C LYS A 222 19.07 20.12 -9.36
N SER A 223 18.19 19.69 -8.45
CA SER A 223 17.47 20.63 -7.61
C SER A 223 18.45 21.51 -6.81
N LYS A 224 19.53 20.92 -6.30
CA LYS A 224 20.49 21.71 -5.54
C LYS A 224 21.07 22.83 -6.39
N TYR A 225 21.46 22.51 -7.64
CA TYR A 225 22.04 23.54 -8.49
C TYR A 225 21.00 24.56 -8.94
N ASP A 226 19.74 24.14 -9.16
CA ASP A 226 18.67 25.10 -9.45
C ASP A 226 18.47 26.11 -8.32
N LYS A 227 18.47 25.62 -7.08
CA LYS A 227 18.33 26.54 -5.94
C LYS A 227 19.48 27.52 -5.88
N ALA A 228 20.68 27.07 -6.23
CA ALA A 228 21.82 27.96 -6.23
C ALA A 228 21.71 28.99 -7.35
N GLU A 229 21.17 28.59 -8.50
CA GLU A 229 20.94 29.57 -9.55
C GLU A 229 19.93 30.61 -9.12
N MSE A 230 18.90 30.19 -8.40
CA MSE A 230 17.85 31.08 -7.97
C MSE A 230 18.35 32.04 -6.89
O MSE A 230 17.85 33.15 -6.77
CB MSE A 230 16.69 30.26 -7.45
CG MSE A 230 15.40 31.00 -7.27
SE MSE A 230 14.22 29.82 -6.27
CE MSE A 230 14.40 28.20 -7.36
N LEU A 231 19.36 31.61 -6.13
CA LEU A 231 19.95 32.47 -5.10
C LEU A 231 20.59 33.71 -5.72
N GLU A 232 21.08 33.60 -6.96
CA GLU A 232 21.70 34.73 -7.65
C GLU A 232 20.83 35.99 -7.61
N ASN A 233 19.51 35.82 -7.66
CA ASN A 233 18.59 36.95 -7.67
C ASN A 233 18.33 37.52 -6.29
N HIS A 234 18.73 36.82 -5.23
CA HIS A 234 18.26 37.11 -3.89
C HIS A 234 19.41 37.28 -2.91
N ILE A 235 20.65 37.32 -3.40
CA ILE A 235 21.79 37.26 -2.49
C ILE A 235 21.86 38.52 -1.63
N ASP A 236 21.40 39.66 -2.15
CA ASP A 236 21.43 40.89 -1.37
C ASP A 236 20.48 40.80 -0.17
N ARG A 237 19.27 40.32 -0.41
CA ARG A 237 18.30 40.17 0.66
C ARG A 237 18.77 39.13 1.68
N VAL A 238 19.36 38.04 1.21
CA VAL A 238 19.88 37.03 2.13
C VAL A 238 20.92 37.64 3.06
N ARG A 239 21.86 38.41 2.49
CA ARG A 239 22.90 39.02 3.31
C ARG A 239 22.32 39.98 4.33
N GLU A 240 21.28 40.75 3.96
CA GLU A 240 20.65 41.64 4.93
C GLU A 240 19.95 40.86 6.03
N LYS A 241 19.36 39.71 5.72
CA LYS A 241 18.72 38.93 6.78
C LYS A 241 19.75 38.28 7.69
N ILE A 242 20.94 37.97 7.17
CA ILE A 242 22.03 37.53 8.04
C ILE A 242 22.42 38.64 9.01
N PHE A 243 22.67 39.83 8.50
CA PHE A 243 22.97 40.97 9.37
C PHE A 243 21.86 41.18 10.39
N LYS A 244 20.60 41.06 9.95
CA LYS A 244 19.48 41.16 10.87
C LYS A 244 19.55 40.10 11.96
N GLY A 245 19.90 38.87 11.59
CA GLY A 245 20.10 37.83 12.60
C GLY A 245 21.16 38.18 13.62
N LEU A 246 22.22 38.89 13.18
CA LEU A 246 23.29 39.28 14.09
C LEU A 246 22.83 40.28 15.14
N ARG A 247 21.78 41.03 14.85
CA ARG A 247 21.18 41.99 15.76
C ARG A 247 20.02 41.42 16.55
N SER A 248 19.76 40.12 16.43
CA SER A 248 18.67 39.51 17.17
C SER A 248 18.91 39.60 18.67
N LYS A 249 17.82 39.57 19.44
CA LYS A 249 17.93 39.61 20.89
C LYS A 249 18.22 38.22 21.48
N GLU A 250 17.88 37.15 20.77
CA GLU A 250 18.15 35.79 21.25
C GLU A 250 19.59 35.39 20.91
N PRO A 251 20.43 35.07 21.89
CA PRO A 251 21.84 34.81 21.59
C PRO A 251 22.08 33.61 20.68
N LYS A 252 21.18 32.62 20.69
CA LYS A 252 21.36 31.46 19.82
C LYS A 252 21.20 31.85 18.35
N MSE A 253 20.26 32.74 18.06
CA MSE A 253 20.08 33.19 16.69
C MSE A 253 21.28 34.03 16.25
O MSE A 253 21.67 33.97 15.09
CB MSE A 253 18.79 33.97 16.54
CG MSE A 253 18.47 34.31 15.11
SE MSE A 253 16.73 35.17 14.90
CE MSE A 253 15.61 33.79 15.71
N ARG A 254 21.86 34.80 17.17
CA ARG A 254 23.04 35.58 16.83
C ARG A 254 24.23 34.69 16.46
N GLU A 255 24.44 33.60 17.20
CA GLU A 255 25.54 32.70 16.86
C GLU A 255 25.29 32.03 15.51
N ILE A 256 24.06 31.57 15.28
CA ILE A 256 23.72 30.95 13.99
C ILE A 256 23.93 31.94 12.85
N ALA A 257 23.45 33.17 13.03
CA ALA A 257 23.66 34.21 12.03
C ALA A 257 25.13 34.39 11.71
N LEU A 258 26.00 34.39 12.73
CA LEU A 258 27.42 34.60 12.47
C LEU A 258 28.01 33.44 11.68
N ALA A 259 27.57 32.21 11.93
CA ALA A 259 28.01 31.08 11.11
C ALA A 259 27.59 31.26 9.66
N CYS A 260 26.37 31.72 9.43
CA CYS A 260 25.91 32.00 8.07
C CYS A 260 26.71 33.13 7.45
N TYR A 261 27.07 34.14 8.24
CA TYR A 261 27.94 35.19 7.75
C TYR A 261 29.27 34.64 7.25
N LEU A 262 29.82 33.62 7.93
CA LEU A 262 31.07 33.03 7.47
C LEU A 262 30.87 32.19 6.20
N ILE A 263 29.69 31.60 6.02
CA ILE A 263 29.39 30.99 4.72
C ILE A 263 29.51 32.03 3.61
N ASP A 264 28.84 33.18 3.79
CA ASP A 264 28.81 34.18 2.75
C ASP A 264 30.21 34.74 2.46
N ARG A 265 30.95 35.10 3.52
CA ARG A 265 32.19 35.84 3.33
C ARG A 265 33.37 34.94 2.98
N LEU A 266 33.45 33.75 3.58
CA LEU A 266 34.60 32.89 3.36
C LEU A 266 34.23 31.54 2.76
N ALA A 267 32.96 31.33 2.41
CA ALA A 267 32.51 30.02 1.93
C ALA A 267 32.84 28.93 2.95
N MSE A 268 32.77 29.27 4.22
CA MSE A 268 33.15 28.29 5.23
C MSE A 268 32.02 27.35 5.55
O MSE A 268 30.92 27.77 5.87
CB MSE A 268 33.61 28.97 6.53
CG MSE A 268 34.19 27.99 7.53
SE MSE A 268 34.68 28.98 9.20
CE MSE A 268 36.20 29.98 8.50
N ARG A 269 32.32 26.05 5.45
CA ARG A 269 31.33 25.03 5.77
C ARG A 269 30.98 25.10 7.26
N VAL A 270 29.83 24.52 7.60
CA VAL A 270 29.37 24.53 8.98
C VAL A 270 30.38 23.81 9.86
N GLY A 271 30.84 22.64 9.41
CA GLY A 271 31.85 21.87 10.12
C GLY A 271 31.40 20.51 10.61
N ASP A 272 30.11 20.20 10.59
CA ASP A 272 29.60 18.96 11.19
C ASP A 272 29.34 17.84 10.18
N GLU A 273 29.44 18.09 8.88
CA GLU A 273 29.21 17.04 7.89
C GLU A 273 30.35 16.04 7.91
N LYS A 274 30.01 14.75 7.94
CA LYS A 274 30.99 13.68 8.14
C LYS A 274 31.73 13.29 6.87
N ASP A 275 31.26 13.74 5.70
CA ASP A 275 31.84 13.32 4.45
C ASP A 275 33.36 13.53 4.45
N PRO A 276 34.15 12.50 4.16
CA PRO A 276 35.62 12.66 4.24
C PRO A 276 36.18 13.65 3.24
N ASP A 277 35.44 14.03 2.20
CA ASP A 277 35.98 14.95 1.21
C ASP A 277 36.31 16.30 1.83
N GLU A 278 35.49 16.75 2.77
CA GLU A 278 35.69 18.04 3.40
C GLU A 278 35.96 17.98 4.90
N ALA A 279 35.89 16.79 5.51
CA ALA A 279 35.99 16.69 6.96
C ALA A 279 37.30 17.20 7.53
N ASP A 280 38.36 17.32 6.72
CA ASP A 280 39.65 17.82 7.19
C ASP A 280 39.89 19.29 6.86
N THR A 281 38.92 19.98 6.28
CA THR A 281 39.06 21.40 5.98
C THR A 281 38.47 22.23 7.11
N VAL A 282 38.74 23.54 7.07
CA VAL A 282 38.22 24.42 8.11
C VAL A 282 36.70 24.44 8.07
N GLY A 283 36.10 24.58 9.24
CA GLY A 283 34.65 24.76 9.33
C GLY A 283 34.34 25.58 10.57
N ALA A 284 33.14 26.18 10.58
CA ALA A 284 32.80 27.04 11.70
C ALA A 284 32.93 26.30 13.03
N THR A 285 32.44 25.06 13.11
CA THR A 285 32.46 24.37 14.40
C THR A 285 33.83 23.84 14.77
N THR A 286 34.82 23.93 13.89
CA THR A 286 36.17 23.50 14.20
C THR A 286 37.05 24.66 14.67
N LEU A 287 36.56 25.89 14.64
CA LEU A 287 37.39 27.03 15.02
C LEU A 287 37.54 27.10 16.54
N ARG A 288 38.76 27.36 16.98
CA ARG A 288 39.06 27.58 18.38
C ARG A 288 39.62 28.99 18.55
N VAL A 289 39.63 29.46 19.80
CA VAL A 289 40.06 30.82 20.11
C VAL A 289 41.39 31.14 19.42
N GLU A 290 42.33 30.19 19.41
CA GLU A 290 43.65 30.48 18.86
C GLU A 290 43.67 30.51 17.34
N HIS A 291 42.56 30.15 16.68
CA HIS A 291 42.49 30.24 15.23
C HIS A 291 42.02 31.60 14.74
N VAL A 292 41.64 32.49 15.64
CA VAL A 292 40.96 33.74 15.31
C VAL A 292 41.65 34.89 16.03
N LYS A 293 42.11 35.89 15.25
CA LYS A 293 42.67 37.12 15.80
C LYS A 293 41.75 38.28 15.41
N LEU A 294 41.07 38.85 16.41
CA LEU A 294 40.25 40.03 16.20
C LEU A 294 41.11 41.28 16.35
N LEU A 295 41.39 41.96 15.24
CA LEU A 295 42.15 43.19 15.22
C LEU A 295 41.20 44.39 15.20
N GLU A 296 41.79 45.59 15.10
CA GLU A 296 40.99 46.81 15.29
C GLU A 296 40.07 47.09 14.11
N ASP A 297 40.50 46.79 12.88
CA ASP A 297 39.59 46.92 11.74
C ASP A 297 39.60 45.70 10.83
N ARG A 298 39.91 44.52 11.37
CA ARG A 298 39.88 43.30 10.57
C ARG A 298 39.90 42.10 11.51
N ILE A 299 39.45 40.96 10.97
CA ILE A 299 39.49 39.69 11.69
C ILE A 299 40.28 38.70 10.85
N GLU A 300 41.28 38.07 11.47
CA GLU A 300 42.19 37.17 10.78
C GLU A 300 41.93 35.74 11.24
N PHE A 301 41.85 34.82 10.27
CA PHE A 301 41.65 33.41 10.54
C PHE A 301 42.94 32.66 10.20
N ASP A 302 43.38 31.80 11.11
CA ASP A 302 44.62 31.04 10.95
C ASP A 302 44.37 29.66 11.52
N PHE A 303 44.06 28.70 10.65
CA PHE A 303 43.64 27.37 11.04
C PHE A 303 44.72 26.37 10.68
N LEU A 304 45.18 25.61 11.67
CA LEU A 304 46.19 24.58 11.46
C LEU A 304 45.47 23.23 11.54
N GLY A 305 45.51 22.48 10.45
CA GLY A 305 44.77 21.23 10.42
C GLY A 305 45.60 20.00 10.14
N LYS A 306 44.95 18.96 9.62
CA LYS A 306 45.59 17.67 9.37
C LYS A 306 46.83 17.84 8.49
N ASP A 307 47.84 17.03 8.76
CA ASP A 307 49.11 17.03 8.03
C ASP A 307 49.82 18.37 8.11
N SER A 308 49.52 19.15 9.16
CA SER A 308 50.12 20.45 9.40
C SER A 308 49.78 21.45 8.30
N VAL A 309 48.63 21.28 7.66
CA VAL A 309 48.17 22.23 6.64
C VAL A 309 47.61 23.46 7.32
N ARG A 310 48.11 24.62 6.94
CA ARG A 310 47.69 25.90 7.51
C ARG A 310 46.82 26.65 6.50
N TRP A 311 45.63 27.02 6.92
CA TRP A 311 44.69 27.79 6.10
C TRP A 311 44.53 29.19 6.71
N GLN A 312 44.69 30.22 5.90
CA GLN A 312 44.59 31.59 6.42
C GLN A 312 43.75 32.47 5.51
N LYS A 313 42.76 33.13 6.08
CA LYS A 313 42.00 34.16 5.37
C LYS A 313 41.60 35.23 6.37
N SER A 314 41.31 36.42 5.86
CA SER A 314 40.93 37.55 6.70
C SER A 314 39.77 38.30 6.07
N ILE A 315 39.01 38.97 6.93
CA ILE A 315 37.90 39.82 6.52
C ILE A 315 38.19 41.24 6.98
N ASP A 316 38.15 42.19 6.05
CA ASP A 316 38.24 43.60 6.42
C ASP A 316 36.91 44.05 7.02
N LEU A 317 36.96 44.54 8.26
CA LEU A 317 35.74 44.91 8.99
C LEU A 317 35.34 46.36 8.84
N ARG A 318 36.18 47.24 8.29
CA ARG A 318 35.91 48.66 8.47
C ARG A 318 34.66 49.10 7.73
N ASN A 319 34.33 48.48 6.59
CA ASN A 319 33.07 48.76 5.92
C ASN A 319 31.95 47.82 6.33
N GLU A 320 32.24 46.78 7.12
CA GLU A 320 31.23 45.84 7.58
C GLU A 320 30.34 46.49 8.65
N PRO A 321 29.11 46.02 8.79
CA PRO A 321 28.24 46.53 9.85
C PRO A 321 28.76 46.11 11.21
N PRO A 322 28.66 46.99 12.22
CA PRO A 322 29.36 46.71 13.49
C PRO A 322 28.87 45.46 14.18
N GLU A 323 27.67 44.95 13.86
CA GLU A 323 27.17 43.77 14.54
C GLU A 323 28.01 42.53 14.24
N VAL A 324 28.87 42.56 13.22
CA VAL A 324 29.78 41.43 12.97
C VAL A 324 30.81 41.35 14.08
N ARG A 325 31.55 42.42 14.31
CA ARG A 325 32.47 42.47 15.44
C ARG A 325 31.76 42.22 16.76
N GLN A 326 30.55 42.78 16.92
CA GLN A 326 29.80 42.59 18.17
C GLN A 326 29.66 41.12 18.52
N VAL A 327 29.15 40.31 17.58
CA VAL A 327 28.85 38.93 17.90
C VAL A 327 30.14 38.12 18.04
N PHE A 328 31.18 38.45 17.28
CA PHE A 328 32.47 37.79 17.49
C PHE A 328 32.98 38.00 18.91
N GLU A 329 33.01 39.26 19.36
CA GLU A 329 33.41 39.56 20.73
C GLU A 329 32.53 38.81 21.72
N GLU A 330 31.22 38.79 21.48
CA GLU A 330 30.32 38.04 22.36
C GLU A 330 30.74 36.59 22.51
N LEU A 331 31.13 35.94 21.41
CA LEU A 331 31.44 34.52 21.46
C LEU A 331 32.85 34.27 22.00
N LEU A 332 33.77 35.21 21.80
CA LEU A 332 35.12 35.05 22.29
C LEU A 332 35.26 35.37 23.78
N GLU A 333 34.32 36.11 24.34
CA GLU A 333 34.45 36.60 25.70
C GLU A 333 34.26 35.47 26.71
N GLY A 334 35.18 35.37 27.66
CA GLY A 334 35.12 34.33 28.66
C GLY A 334 35.67 32.99 28.22
N LYS A 335 36.15 32.88 26.99
CA LYS A 335 36.79 31.68 26.48
C LYS A 335 38.29 31.89 26.37
N LYS A 336 39.04 30.82 26.62
CA LYS A 336 40.49 30.84 26.56
C LYS A 336 40.96 29.88 25.46
N GLU A 337 42.27 29.90 25.23
CA GLU A 337 42.89 29.04 24.23
C GLU A 337 42.41 27.60 24.39
N GLY A 338 42.14 26.96 23.26
CA GLY A 338 41.63 25.60 23.25
C GLY A 338 40.12 25.51 23.24
N ASP A 339 39.40 26.59 23.51
CA ASP A 339 37.95 26.54 23.56
C ASP A 339 37.37 26.69 22.16
N GLN A 340 36.28 25.97 21.92
CA GLN A 340 35.52 26.06 20.69
C GLN A 340 34.70 27.35 20.67
N ILE A 341 34.76 28.08 19.56
CA ILE A 341 34.02 29.33 19.45
C ILE A 341 32.52 29.08 19.27
N PHE A 342 32.15 28.29 18.26
CA PHE A 342 30.73 28.05 17.93
C PHE A 342 30.27 26.77 18.60
N GLN A 343 29.69 26.89 19.80
CA GLN A 343 29.31 25.71 20.57
C GLN A 343 27.84 25.32 20.42
N ASN A 344 27.02 26.16 19.81
CA ASN A 344 25.59 25.87 19.64
C ASN A 344 25.20 25.87 18.17
N ILE A 345 26.07 25.36 17.32
CA ILE A 345 25.91 25.40 15.87
C ILE A 345 25.88 23.97 15.36
N ASN A 346 24.95 23.69 14.45
CA ASN A 346 25.00 22.51 13.61
C ASN A 346 24.28 22.84 12.29
N SER A 347 24.33 21.89 11.36
CA SER A 347 23.74 22.17 10.05
C SER A 347 22.23 22.34 10.14
N ARG A 348 21.58 21.62 11.07
CA ARG A 348 20.13 21.74 11.19
C ARG A 348 19.73 23.15 11.58
N HIS A 349 20.40 23.71 12.59
CA HIS A 349 20.10 25.09 13.02
C HIS A 349 20.44 26.09 11.92
N VAL A 350 21.62 25.96 11.31
CA VAL A 350 22.01 26.84 10.20
C VAL A 350 20.98 26.77 9.07
N ASN A 351 20.58 25.56 8.67
CA ASN A 351 19.69 25.49 7.51
C ASN A 351 18.28 25.94 7.85
N ARG A 352 17.83 25.72 9.09
CA ARG A 352 16.57 26.30 9.55
C ARG A 352 16.59 27.82 9.40
N PHE A 353 17.68 28.45 9.82
CA PHE A 353 17.81 29.90 9.72
C PHE A 353 17.78 30.36 8.27
N LEU A 354 18.58 29.71 7.42
CA LEU A 354 18.65 30.08 6.01
C LEU A 354 17.32 29.82 5.30
N GLY A 355 16.69 28.68 5.60
CA GLY A 355 15.42 28.34 4.97
C GLY A 355 14.31 29.32 5.31
N LYS A 356 14.40 29.98 6.48
CA LYS A 356 13.45 31.04 6.80
C LYS A 356 13.64 32.27 5.93
N ILE A 357 14.83 32.45 5.35
CA ILE A 357 15.06 33.57 4.46
C ILE A 357 14.61 33.23 3.05
N VAL A 358 15.05 32.09 2.54
CA VAL A 358 14.66 31.57 1.24
C VAL A 358 14.35 30.11 1.42
N LYS A 359 13.12 29.72 1.09
CA LYS A 359 12.72 28.32 1.24
C LYS A 359 13.70 27.41 0.49
N GLY A 360 14.13 26.34 1.14
CA GLY A 360 15.07 25.40 0.55
C GLY A 360 16.54 25.79 0.61
N LEU A 361 16.87 27.00 1.06
CA LEU A 361 18.26 27.42 1.09
C LEU A 361 18.99 26.71 2.22
N THR A 362 20.17 26.17 1.91
CA THR A 362 21.00 25.47 2.88
C THR A 362 22.44 25.89 2.70
N ALA A 363 23.29 25.50 3.66
CA ALA A 363 24.70 25.79 3.54
C ALA A 363 25.29 25.22 2.25
N LYS A 364 24.90 24.00 1.86
CA LYS A 364 25.43 23.42 0.63
C LYS A 364 25.00 24.21 -0.60
N VAL A 365 23.71 24.57 -0.67
CA VAL A 365 23.23 25.41 -1.76
C VAL A 365 23.98 26.74 -1.80
N PHE A 366 24.22 27.34 -0.63
CA PHE A 366 24.90 28.63 -0.59
C PHE A 366 26.32 28.52 -1.13
N ARG A 367 27.06 27.48 -0.71
CA ARG A 367 28.43 27.33 -1.20
C ARG A 367 28.45 26.88 -2.65
N THR A 368 27.40 26.21 -3.12
CA THR A 368 27.31 25.92 -4.55
C THR A 368 27.16 27.22 -5.35
N TYR A 369 26.32 28.13 -4.86
CA TYR A 369 26.18 29.43 -5.52
C TYR A 369 27.52 30.15 -5.57
N ILE A 370 28.27 30.11 -4.47
CA ILE A 370 29.55 30.81 -4.40
C ILE A 370 30.53 30.21 -5.38
N ALA A 371 30.71 28.88 -5.33
CA ALA A 371 31.67 28.26 -6.22
C ALA A 371 31.28 28.44 -7.68
N THR A 372 29.98 28.31 -7.99
CA THR A 372 29.54 28.42 -9.38
C THR A 372 29.77 29.83 -9.93
N LYS A 373 29.54 30.86 -9.12
CA LYS A 373 29.77 32.23 -9.55
C LYS A 373 31.25 32.49 -9.80
N ILE A 374 32.11 31.95 -8.93
CA ILE A 374 33.55 32.05 -9.11
C ILE A 374 33.96 31.47 -10.47
N VAL A 375 33.47 30.27 -10.78
CA VAL A 375 33.83 29.63 -12.04
C VAL A 375 33.31 30.44 -13.22
N LYS A 376 32.04 30.85 -13.16
CA LYS A 376 31.44 31.65 -14.24
C LYS A 376 32.23 32.92 -14.48
N ASP A 377 32.55 33.65 -13.41
CA ASP A 377 33.24 34.92 -13.54
C ASP A 377 34.63 34.74 -14.11
N PHE A 378 35.32 33.66 -13.72
CA PHE A 378 36.66 33.39 -14.24
C PHE A 378 36.62 33.11 -15.73
N LEU A 379 35.73 32.20 -16.17
CA LEU A 379 35.68 31.86 -17.58
C LEU A 379 35.16 33.03 -18.41
N ALA A 380 34.27 33.85 -17.84
CA ALA A 380 33.71 34.97 -18.61
C ALA A 380 34.77 35.98 -18.98
N ALA A 381 35.84 36.07 -18.18
CA ALA A 381 36.88 37.07 -18.40
C ALA A 381 37.92 36.62 -19.42
N ILE A 382 37.82 35.40 -19.93
CA ILE A 382 38.80 34.85 -20.86
C ILE A 382 38.39 35.24 -22.27
N PRO A 383 39.25 35.95 -23.02
CA PRO A 383 38.96 36.19 -24.45
C PRO A 383 38.88 34.89 -25.23
N ARG A 384 37.91 34.81 -26.12
CA ARG A 384 37.75 33.63 -26.97
C ARG A 384 39.01 33.34 -27.78
N GLU A 385 39.76 34.36 -28.17
CA GLU A 385 40.97 34.16 -28.96
C GLU A 385 42.00 33.32 -28.21
N LYS A 386 41.98 33.36 -26.87
CA LYS A 386 42.92 32.57 -26.09
C LYS A 386 42.57 31.09 -26.02
N VAL A 387 41.35 30.69 -26.38
CA VAL A 387 40.94 29.29 -26.24
C VAL A 387 41.21 28.62 -27.59
N THR A 388 42.46 28.21 -27.76
CA THR A 388 43.00 27.88 -29.08
C THR A 388 42.91 26.40 -29.42
N SER A 389 42.50 25.55 -28.47
CA SER A 389 42.48 24.11 -28.68
C SER A 389 41.67 23.47 -27.56
N GLN A 390 41.35 22.18 -27.76
CA GLN A 390 40.71 21.38 -26.73
C GLN A 390 41.51 21.39 -25.43
N GLU A 391 42.83 21.20 -25.53
CA GLU A 391 43.65 21.14 -24.33
C GLU A 391 43.72 22.49 -23.62
N LYS A 392 43.72 23.60 -24.39
CA LYS A 392 43.65 24.92 -23.77
C LYS A 392 42.31 25.15 -23.10
N PHE A 393 41.24 24.72 -23.75
CA PHE A 393 39.91 24.75 -23.16
C PHE A 393 39.88 24.04 -21.81
N ILE A 394 40.38 22.79 -21.78
CA ILE A 394 40.39 22.00 -20.54
C ILE A 394 41.24 22.68 -19.49
N TYR A 395 42.39 23.23 -19.92
CA TYR A 395 43.28 23.96 -19.02
C TYR A 395 42.55 25.10 -18.31
N TYR A 396 41.85 25.95 -19.06
CA TYR A 396 41.12 27.06 -18.45
C TYR A 396 40.01 26.55 -17.52
N ALA A 397 39.30 25.50 -17.94
CA ALA A 397 38.29 24.91 -17.08
C ALA A 397 38.87 24.49 -15.74
N LYS A 398 40.06 23.88 -15.74
CA LYS A 398 40.66 23.44 -14.49
C LYS A 398 41.14 24.62 -13.65
N LEU A 399 41.69 25.66 -14.30
CA LEU A 399 42.05 26.86 -13.53
C LEU A 399 40.82 27.49 -12.89
N ALA A 400 39.66 27.45 -13.56
CA ALA A 400 38.44 27.91 -12.90
C ALA A 400 38.11 27.01 -11.71
N ASN A 401 38.21 25.70 -11.93
CA ASN A 401 38.00 24.71 -10.86
C ASN A 401 38.89 25.02 -9.65
N LEU A 402 40.15 25.39 -9.90
CA LEU A 402 41.08 25.72 -8.82
C LEU A 402 40.64 26.97 -8.07
N LYS A 403 40.13 27.98 -8.78
CA LYS A 403 39.61 29.17 -8.10
C LYS A 403 38.47 28.83 -7.15
N ALA A 404 37.59 27.91 -7.54
CA ALA A 404 36.51 27.51 -6.64
C ALA A 404 37.05 26.72 -5.43
N ALA A 405 38.01 25.82 -5.69
CA ALA A 405 38.66 25.08 -4.60
C ALA A 405 39.27 26.04 -3.57
N GLU A 406 39.95 27.10 -4.03
CA GLU A 406 40.53 28.06 -3.09
C GLU A 406 39.44 28.83 -2.35
N ALA A 407 38.39 29.21 -3.07
CA ALA A 407 37.29 29.95 -2.46
C ALA A 407 36.60 29.13 -1.38
N LEU A 408 36.44 27.82 -1.58
CA LEU A 408 35.73 26.97 -0.63
C LEU A 408 36.67 26.27 0.35
N ASN A 409 37.96 26.62 0.36
CA ASN A 409 38.88 26.21 1.40
C ASN A 409 39.19 24.72 1.34
N HIS A 410 39.23 24.18 0.12
CA HIS A 410 39.61 22.78 -0.07
C HIS A 410 41.13 22.70 -0.24
N LYS A 411 41.80 23.13 0.82
CA LYS A 411 43.25 23.15 0.87
C LYS A 411 43.73 21.83 1.46
N ARG A 412 44.80 21.30 0.91
CA ARG A 412 45.31 19.98 1.26
C ARG A 412 46.83 20.05 1.34
N ALA A 413 47.42 19.01 1.92
CA ALA A 413 48.87 18.86 1.89
C ALA A 413 49.33 18.50 0.48
N PRO A 414 50.50 18.97 0.06
CA PRO A 414 50.99 18.65 -1.28
C PRO A 414 51.13 17.14 -1.44
N PRO A 415 50.94 16.64 -2.66
CA PRO A 415 51.10 15.19 -2.89
C PRO A 415 52.48 14.68 -2.47
N LYS A 416 52.55 13.38 -2.14
CA LYS A 416 53.71 12.81 -1.46
C LYS A 416 55.02 13.08 -2.20
N ASN A 417 55.04 12.88 -3.52
CA ASN A 417 56.26 13.05 -4.29
C ASN A 417 56.15 14.23 -5.25
N TRP A 418 55.52 15.32 -4.80
CA TRP A 418 55.23 16.44 -5.69
C TRP A 418 56.51 16.98 -6.32
N GLU A 419 57.51 17.30 -5.50
CA GLU A 419 58.75 17.90 -6.00
C GLU A 419 59.34 17.07 -7.14
N GLN A 420 59.41 15.75 -6.96
CA GLN A 420 59.98 14.92 -8.02
C GLN A 420 59.01 14.71 -9.18
N SER A 421 57.71 14.61 -8.88
CA SER A 421 56.73 14.59 -9.96
C SER A 421 56.65 15.90 -10.73
N ILE A 422 57.23 17.00 -10.23
CA ILE A 422 57.33 18.23 -11.00
C ILE A 422 58.59 18.25 -11.86
N GLN A 423 59.71 17.74 -11.33
CA GLN A 423 60.92 17.63 -12.13
C GLN A 423 60.70 16.71 -13.32
N LYS A 424 60.06 15.55 -13.10
CA LYS A 424 59.87 14.56 -14.16
C LYS A 424 59.12 15.14 -15.36
N LYS A 425 58.09 15.96 -15.11
CA LYS A 425 57.39 16.62 -16.20
C LYS A 425 58.24 17.71 -16.83
N GLU A 426 59.07 18.38 -16.03
CA GLU A 426 60.02 19.33 -16.60
C GLU A 426 61.00 18.65 -17.56
N GLU A 427 61.36 17.40 -17.29
CA GLU A 427 62.21 16.66 -18.22
C GLU A 427 61.42 16.25 -19.46
N ARG A 428 60.18 15.82 -19.26
CA ARG A 428 59.40 15.33 -20.39
C ARG A 428 59.07 16.45 -21.38
N VAL A 429 58.88 17.68 -20.88
CA VAL A 429 58.74 18.80 -21.80
C VAL A 429 60.08 19.11 -22.46
N LYS A 430 61.17 19.09 -21.68
CA LYS A 430 62.50 19.32 -22.27
C LYS A 430 62.77 18.33 -23.40
N LYS A 431 62.52 17.04 -23.17
CA LYS A 431 62.71 16.05 -24.22
C LYS A 431 61.76 16.30 -25.38
N LEU A 432 60.49 16.56 -25.08
CA LEU A 432 59.48 16.72 -26.13
C LEU A 432 59.85 17.84 -27.10
N MSE A 433 60.44 18.92 -26.59
CA MSE A 433 60.80 20.01 -27.47
C MSE A 433 61.93 19.62 -28.41
O MSE A 433 61.93 20.00 -29.58
CB MSE A 433 61.20 21.24 -26.67
CG MSE A 433 60.05 22.16 -26.34
SE MSE A 433 60.69 23.44 -25.02
CE MSE A 433 61.57 22.14 -23.91
N GLN A 434 62.90 18.85 -27.89
CA GLN A 434 64.01 18.42 -28.75
C GLN A 434 63.55 17.38 -29.76
N GLN A 435 62.56 16.55 -29.42
CA GLN A 435 62.01 15.63 -30.40
C GLN A 435 61.25 16.36 -31.51
N LEU A 436 60.80 17.58 -31.25
CA LEU A 436 60.05 18.35 -32.24
C LEU A 436 60.97 19.21 -33.11
N ARG A 437 62.13 19.61 -32.59
CA ARG A 437 63.12 20.28 -33.43
C ARG A 437 63.69 19.34 -34.47
N GLU A 438 63.90 18.08 -34.09
CA GLU A 438 64.38 17.08 -35.03
C GLU A 438 63.25 16.35 -35.74
N ALA A 439 62.03 16.86 -35.68
CA ALA A 439 60.93 16.21 -36.35
C ALA A 439 61.09 16.36 -37.88
N GLU A 440 60.52 15.40 -38.60
CA GLU A 440 60.75 15.26 -40.03
C GLU A 440 59.46 15.44 -40.81
N SER A 441 58.67 14.36 -40.92
CA SER A 441 57.41 14.39 -41.63
C SER A 441 56.41 15.34 -40.96
N GLU A 442 55.43 15.79 -41.75
CA GLU A 442 54.36 16.61 -41.20
C GLU A 442 53.58 15.84 -40.13
N LYS A 443 53.25 14.58 -40.43
CA LYS A 443 52.58 13.74 -39.45
C LYS A 443 53.34 13.70 -38.13
N LYS A 444 54.67 13.69 -38.21
CA LYS A 444 55.48 13.65 -37.00
C LYS A 444 55.54 15.01 -36.32
N LYS A 445 55.72 16.09 -37.09
CA LYS A 445 55.77 17.43 -36.51
C LYS A 445 54.47 17.81 -35.81
N ALA A 446 53.34 17.23 -36.21
CA ALA A 446 52.06 17.52 -35.58
C ALA A 446 51.75 16.61 -34.41
N ARG A 447 52.19 15.35 -34.48
CA ARG A 447 51.94 14.42 -33.38
C ARG A 447 52.70 14.83 -32.13
N ILE A 448 53.92 15.35 -32.28
CA ILE A 448 54.70 15.81 -31.14
C ILE A 448 54.21 17.18 -30.68
N ALA A 449 53.84 18.05 -31.62
CA ALA A 449 53.21 19.30 -31.26
C ALA A 449 51.97 19.07 -30.39
N GLU A 450 51.15 18.09 -30.77
CA GLU A 450 49.99 17.71 -29.97
C GLU A 450 50.40 17.38 -28.54
N ARG A 451 51.37 16.47 -28.38
CA ARG A 451 51.73 16.01 -27.04
C ARG A 451 52.52 17.06 -26.26
N LEU A 452 53.30 17.89 -26.96
CA LEU A 452 54.05 18.95 -26.29
C LEU A 452 53.11 19.95 -25.63
N GLU A 453 52.13 20.45 -26.39
CA GLU A 453 51.18 21.41 -25.82
C GLU A 453 50.48 20.82 -24.60
N LYS A 454 50.11 19.55 -24.66
CA LYS A 454 49.49 18.89 -23.52
C LYS A 454 50.45 18.83 -22.34
N ALA A 455 51.73 18.58 -22.60
CA ALA A 455 52.70 18.48 -21.53
C ALA A 455 52.93 19.82 -20.84
N GLU A 456 53.03 20.90 -21.62
CA GLU A 456 53.28 22.21 -21.03
C GLU A 456 52.12 22.66 -20.16
N LEU A 457 50.89 22.48 -20.65
CA LEU A 457 49.74 22.89 -19.86
C LEU A 457 49.63 22.06 -18.59
N ASN A 458 49.82 20.74 -18.70
CA ASN A 458 49.71 19.88 -17.51
C ASN A 458 50.79 20.20 -16.49
N LEU A 459 51.97 20.64 -16.93
CA LEU A 459 53.02 21.03 -15.99
C LEU A 459 52.60 22.29 -15.22
N ASP A 460 52.11 23.30 -15.93
CA ASP A 460 51.70 24.52 -15.24
C ASP A 460 50.50 24.26 -14.31
N LEU A 461 49.62 23.34 -14.69
CA LEU A 461 48.53 22.97 -13.81
C LEU A 461 49.07 22.27 -12.56
N ALA A 462 49.95 21.29 -12.76
CA ALA A 462 50.47 20.51 -11.63
C ALA A 462 51.09 21.41 -10.58
N VAL A 463 51.73 22.50 -11.01
CA VAL A 463 52.31 23.43 -10.04
C VAL A 463 51.21 24.20 -9.33
N LYS A 464 50.19 24.68 -10.07
CA LYS A 464 49.22 25.59 -9.48
C LYS A 464 48.27 24.89 -8.53
N VAL A 465 48.00 23.60 -8.74
CA VAL A 465 47.03 22.88 -7.94
C VAL A 465 47.67 22.12 -6.77
N ARG A 466 48.96 22.39 -6.49
CA ARG A 466 49.67 21.62 -5.47
C ARG A 466 48.91 21.55 -4.15
N ASP A 467 48.43 22.69 -3.66
CA ASP A 467 47.84 22.80 -2.33
C ASP A 467 46.30 22.68 -2.29
N TYR A 468 45.65 22.30 -3.39
CA TYR A 468 44.18 22.30 -3.39
C TYR A 468 43.61 21.04 -4.04
N ASN A 469 42.51 20.57 -3.48
CA ASN A 469 41.78 19.42 -4.00
C ASN A 469 40.65 19.97 -4.87
N LEU A 470 40.80 19.84 -6.19
CA LEU A 470 39.81 20.38 -7.12
C LEU A 470 38.58 19.48 -7.23
N ALA A 471 38.74 18.19 -6.93
CA ALA A 471 37.64 17.24 -7.17
C ALA A 471 36.43 17.54 -6.30
N THR A 472 36.62 18.03 -5.07
CA THR A 472 35.49 18.26 -4.18
C THR A 472 34.49 19.25 -4.78
N SER A 473 34.97 20.42 -5.23
CA SER A 473 34.04 21.40 -5.79
C SER A 473 33.53 20.98 -7.17
N LEU A 474 34.34 20.26 -7.96
CA LEU A 474 33.84 19.80 -9.26
C LEU A 474 32.69 18.81 -9.08
N ARG A 475 32.80 17.93 -8.10
CA ARG A 475 31.75 16.95 -7.87
C ARG A 475 30.53 17.55 -7.20
N ASN A 476 30.71 18.55 -6.33
CA ASN A 476 29.63 18.95 -5.42
C ASN A 476 29.17 20.40 -5.53
N TYR A 477 30.02 21.35 -5.96
CA TYR A 477 29.64 22.75 -5.78
C TYR A 477 29.65 23.60 -7.04
N ILE A 478 29.98 23.05 -8.20
CA ILE A 478 30.06 23.81 -9.45
C ILE A 478 28.96 23.31 -10.37
N ASP A 479 28.01 24.17 -10.69
CA ASP A 479 26.91 23.79 -11.59
C ASP A 479 27.49 23.31 -12.92
N PRO A 480 27.24 22.06 -13.33
CA PRO A 480 27.81 21.58 -14.59
C PRO A 480 27.30 22.34 -15.80
N ARG A 481 26.16 23.03 -15.68
CA ARG A 481 25.70 23.88 -16.77
C ARG A 481 26.72 24.96 -17.10
N VAL A 482 27.55 25.37 -16.14
CA VAL A 482 28.58 26.35 -16.47
C VAL A 482 29.55 25.77 -17.48
N TYR A 483 29.98 24.52 -17.28
CA TYR A 483 30.95 23.94 -18.19
C TYR A 483 30.33 23.56 -19.52
N LYS A 484 29.08 23.04 -19.53
CA LYS A 484 28.39 22.79 -20.79
C LYS A 484 28.29 24.09 -21.59
N ALA A 485 27.95 25.19 -20.93
CA ALA A 485 27.86 26.48 -21.59
C ALA A 485 29.22 26.96 -22.09
N TRP A 486 30.26 26.73 -21.29
CA TRP A 486 31.63 27.07 -21.72
C TRP A 486 32.00 26.30 -22.98
N GLY A 487 31.61 25.03 -23.05
CA GLY A 487 31.80 24.25 -24.27
C GLY A 487 31.01 24.81 -25.45
N ARG A 488 29.77 25.22 -25.22
CA ARG A 488 28.98 25.75 -26.33
C ARG A 488 29.47 27.12 -26.77
N TYR A 489 29.95 27.92 -25.83
CA TYR A 489 30.48 29.24 -26.15
C TYR A 489 31.75 29.15 -27.00
N THR A 490 32.62 28.18 -26.72
CA THR A 490 33.92 28.07 -27.39
C THR A 490 33.94 27.06 -28.52
N GLY A 491 33.05 26.06 -28.50
CA GLY A 491 33.01 25.00 -29.49
C GLY A 491 33.70 23.72 -29.08
N TYR A 492 34.36 23.71 -27.92
CA TYR A 492 35.12 22.53 -27.55
C TYR A 492 34.29 21.57 -26.68
N GLU A 493 34.84 20.37 -26.44
CA GLU A 493 34.13 19.28 -25.79
C GLU A 493 34.22 19.42 -24.27
N TRP A 494 33.13 19.91 -23.65
CA TRP A 494 33.12 20.03 -22.18
C TRP A 494 33.04 18.68 -21.46
N ARG A 495 32.61 17.61 -22.15
CA ARG A 495 32.45 16.35 -21.43
C ARG A 495 33.78 15.79 -20.94
N LYS A 496 34.91 16.18 -21.54
CA LYS A 496 36.21 15.71 -21.08
C LYS A 496 36.64 16.35 -19.76
N ILE A 497 35.93 17.38 -19.28
CA ILE A 497 36.22 17.92 -17.95
C ILE A 497 35.89 16.90 -16.87
N TYR A 498 35.04 15.93 -17.19
CA TYR A 498 34.41 15.05 -16.21
C TYR A 498 34.86 13.60 -16.35
N THR A 499 35.05 12.93 -15.23
CA THR A 499 35.21 11.48 -15.22
C THR A 499 33.90 10.81 -15.64
N ALA A 500 33.98 9.51 -15.97
CA ALA A 500 32.76 8.77 -16.28
C ALA A 500 31.76 8.85 -15.13
N SER A 501 32.27 8.79 -13.89
CA SER A 501 31.42 8.88 -12.71
C SER A 501 30.66 10.20 -12.65
N LEU A 502 31.35 11.31 -12.90
CA LEU A 502 30.69 12.61 -12.87
C LEU A 502 29.76 12.79 -14.07
N LEU A 503 30.10 12.21 -15.23
CA LEU A 503 29.14 12.26 -16.34
C LEU A 503 27.84 11.54 -15.98
N ARG A 504 27.93 10.47 -15.19
CA ARG A 504 26.71 9.80 -14.73
C ARG A 504 25.93 10.68 -13.75
N LYS A 505 26.63 11.26 -12.77
CA LYS A 505 25.97 12.13 -11.80
C LYS A 505 25.29 13.29 -12.49
N PHE A 506 25.95 13.88 -13.49
CA PHE A 506 25.44 15.05 -14.18
C PHE A 506 24.76 14.68 -15.49
N LYS A 507 24.20 13.47 -15.60
CA LYS A 507 23.51 13.12 -16.84
C LYS A 507 22.39 14.11 -17.16
N TRP A 508 21.73 14.67 -16.14
CA TRP A 508 20.65 15.62 -16.36
C TRP A 508 21.08 16.87 -17.12
N VAL A 509 22.38 17.21 -17.10
CA VAL A 509 22.81 18.43 -17.77
C VAL A 509 22.69 18.31 -19.30
N GLU A 510 22.68 17.08 -19.85
CA GLU A 510 22.57 16.92 -21.30
C GLU A 510 21.30 17.57 -21.83
N LYS A 511 20.16 17.36 -21.15
CA LYS A 511 18.88 17.94 -21.55
C LYS A 511 18.68 19.37 -21.08
N ALA A 512 19.47 19.84 -20.11
CA ALA A 512 19.18 21.11 -19.47
C ALA A 512 19.57 22.30 -20.34
N SER A 513 18.73 23.34 -20.31
CA SER A 513 19.10 24.63 -20.88
C SER A 513 20.33 25.18 -20.19
N VAL A 514 21.22 25.81 -20.96
CA VAL A 514 22.35 26.56 -20.40
C VAL A 514 22.28 28.03 -20.81
N LYS A 515 21.08 28.47 -21.24
CA LYS A 515 20.89 29.83 -21.70
C LYS A 515 21.28 30.85 -20.63
N HIS A 516 20.96 30.56 -19.37
CA HIS A 516 21.23 31.49 -18.28
C HIS A 516 22.73 31.80 -18.18
N VAL A 517 23.57 30.78 -18.33
CA VAL A 517 25.02 31.01 -18.30
C VAL A 517 25.54 31.50 -19.64
N LEU A 518 25.06 30.91 -20.74
CA LEU A 518 25.60 31.25 -22.06
C LEU A 518 25.36 32.72 -22.39
N GLN A 519 24.19 33.24 -22.00
CA GLN A 519 23.92 34.67 -22.21
C GLN A 519 24.96 35.52 -21.50
N TYR A 520 25.45 35.06 -20.36
CA TYR A 520 26.44 35.81 -19.60
C TYR A 520 27.79 35.78 -20.33
N PHE A 521 28.21 34.61 -20.83
CA PHE A 521 29.44 34.53 -21.62
C PHE A 521 29.35 35.35 -22.89
N ALA A 522 28.17 35.43 -23.52
CA ALA A 522 28.08 36.08 -24.82
C ALA A 522 27.86 37.58 -24.73
N GLU A 523 27.79 38.12 -23.51
CA GLU A 523 27.62 39.56 -23.28
C GLU A 523 28.67 40.41 -24.02
N TRP B 4 -16.27 -57.22 9.15
CA TRP B 4 -16.44 -57.33 10.59
C TRP B 4 -16.92 -58.72 11.00
N ARG B 5 -16.64 -59.09 12.26
CA ARG B 5 -17.03 -60.38 12.82
C ARG B 5 -18.31 -60.30 13.63
N THR B 6 -18.38 -59.40 14.60
CA THR B 6 -19.58 -59.19 15.41
C THR B 6 -19.92 -57.71 15.45
N LEU B 7 -21.22 -57.44 15.59
CA LEU B 7 -21.72 -56.06 15.53
C LEU B 7 -23.07 -56.01 16.22
N VAL B 8 -23.16 -55.25 17.31
CA VAL B 8 -24.40 -55.12 18.08
C VAL B 8 -24.69 -53.63 18.26
N HIS B 9 -25.98 -53.29 18.27
CA HIS B 9 -26.46 -51.92 18.45
C HIS B 9 -27.97 -51.99 18.69
N ASN B 10 -28.53 -50.86 19.10
CA ASN B 10 -29.95 -50.80 19.48
C ASN B 10 -30.84 -50.27 18.36
N GLY B 11 -30.38 -50.31 17.11
CA GLY B 11 -31.19 -49.80 16.01
C GLY B 11 -31.13 -48.28 15.90
N VAL B 12 -32.22 -47.70 15.43
CA VAL B 12 -32.29 -46.26 15.19
C VAL B 12 -33.44 -45.67 15.99
N ALA B 13 -33.30 -44.41 16.36
CA ALA B 13 -34.35 -43.68 17.07
C ALA B 13 -35.30 -43.04 16.07
N LEU B 14 -36.56 -43.46 16.09
CA LEU B 14 -37.53 -42.91 15.16
C LEU B 14 -38.09 -41.58 15.68
N PRO B 15 -38.50 -40.69 14.78
CA PRO B 15 -38.98 -39.38 15.23
C PRO B 15 -40.26 -39.51 16.04
N PRO B 16 -40.50 -38.59 16.96
CA PRO B 16 -41.74 -38.64 17.73
C PRO B 16 -42.93 -38.25 16.86
N PRO B 17 -44.11 -38.82 17.13
CA PRO B 17 -45.29 -38.45 16.33
C PRO B 17 -45.62 -36.98 16.46
N TYR B 18 -46.21 -36.43 15.39
CA TYR B 18 -46.67 -35.05 15.43
C TYR B 18 -47.80 -34.88 16.44
N GLN B 19 -47.82 -33.74 17.15
CA GLN B 19 -48.86 -33.45 18.13
C GLN B 19 -49.85 -32.44 17.59
N PRO B 20 -51.07 -32.84 17.26
CA PRO B 20 -52.05 -31.88 16.73
C PRO B 20 -52.35 -30.76 17.73
N LYS B 21 -52.64 -29.59 17.19
CA LYS B 21 -52.93 -28.42 17.99
C LYS B 21 -54.32 -27.84 17.73
N GLY B 22 -55.13 -28.48 16.88
CA GLY B 22 -56.45 -27.97 16.58
C GLY B 22 -56.47 -26.70 15.76
N LEU B 23 -55.48 -26.49 14.91
CA LEU B 23 -55.40 -25.26 14.13
C LEU B 23 -56.27 -25.34 12.87
N SER B 24 -56.68 -24.18 12.38
CA SER B 24 -57.45 -24.03 11.16
C SER B 24 -56.73 -23.08 10.20
N ILE B 25 -57.13 -23.16 8.92
CA ILE B 25 -56.72 -22.23 7.89
C ILE B 25 -57.97 -21.70 7.22
N LYS B 26 -57.80 -20.69 6.37
CA LYS B 26 -58.87 -20.21 5.50
C LYS B 26 -58.45 -20.39 4.05
N ILE B 27 -59.34 -20.91 3.24
CA ILE B 27 -59.11 -21.04 1.80
C ILE B 27 -60.24 -20.30 1.11
N ARG B 28 -59.92 -19.20 0.45
CA ARG B 28 -60.90 -18.33 -0.22
C ARG B 28 -62.03 -17.91 0.74
N GLY B 29 -61.66 -17.63 1.99
CA GLY B 29 -62.61 -17.16 2.98
C GLY B 29 -63.28 -18.25 3.78
N GLU B 30 -63.14 -19.51 3.38
CA GLU B 30 -63.75 -20.62 4.09
C GLU B 30 -62.79 -21.11 5.18
N THR B 31 -63.26 -21.15 6.43
CA THR B 31 -62.46 -21.74 7.49
C THR B 31 -62.49 -23.26 7.36
N VAL B 32 -61.31 -23.89 7.39
CA VAL B 32 -61.18 -25.32 7.25
C VAL B 32 -60.37 -25.85 8.43
N LYS B 33 -60.95 -26.79 9.18
CA LYS B 33 -60.22 -27.39 10.30
C LYS B 33 -59.25 -28.42 9.76
N LEU B 34 -57.99 -28.31 10.17
CA LEU B 34 -56.95 -29.19 9.66
C LEU B 34 -56.97 -30.54 10.36
N ASP B 35 -56.88 -31.61 9.58
CA ASP B 35 -56.59 -32.95 10.07
C ASP B 35 -55.16 -32.99 10.57
N PRO B 36 -54.77 -34.05 11.30
CA PRO B 36 -53.38 -34.10 11.82
C PRO B 36 -52.31 -34.00 10.73
N LEU B 37 -52.43 -34.76 9.64
CA LEU B 37 -51.38 -34.67 8.62
C LEU B 37 -51.42 -33.32 7.91
N GLN B 38 -52.62 -32.82 7.63
CA GLN B 38 -52.75 -31.47 7.08
C GLN B 38 -52.07 -30.45 7.99
N GLU B 39 -52.31 -30.55 9.29
CA GLU B 39 -51.75 -29.56 10.21
C GLU B 39 -50.23 -29.72 10.30
N GLU B 40 -49.76 -30.96 10.32
CA GLU B 40 -48.31 -31.18 10.36
C GLU B 40 -47.62 -30.53 9.18
N MSE B 41 -48.22 -30.61 7.99
CA MSE B 41 -47.66 -29.95 6.81
C MSE B 41 -47.85 -28.44 6.85
O MSE B 41 -46.94 -27.71 6.49
CB MSE B 41 -48.27 -30.55 5.54
CG MSE B 41 -48.01 -32.03 5.39
SE MSE B 41 -48.90 -32.73 3.77
CE MSE B 41 -48.64 -31.30 2.69
N ALA B 42 -49.03 -27.98 7.26
CA ALA B 42 -49.26 -26.55 7.37
C ALA B 42 -48.28 -25.93 8.36
N TYR B 43 -47.93 -26.68 9.40
CA TYR B 43 -47.04 -26.18 10.42
C TYR B 43 -45.61 -26.08 9.88
N ALA B 44 -45.17 -27.09 9.11
CA ALA B 44 -43.87 -27.02 8.44
C ALA B 44 -43.80 -25.84 7.50
N TRP B 45 -44.87 -25.60 6.73
CA TRP B 45 -44.90 -24.43 5.87
C TRP B 45 -44.82 -23.14 6.69
N ALA B 46 -45.57 -23.09 7.79
CA ALA B 46 -45.58 -21.90 8.62
C ALA B 46 -44.20 -21.62 9.20
N LEU B 47 -43.49 -22.67 9.61
CA LEU B 47 -42.13 -22.50 10.13
C LEU B 47 -41.21 -21.81 9.12
N LYS B 48 -41.56 -21.83 7.84
CA LYS B 48 -40.75 -21.15 6.83
C LYS B 48 -41.32 -19.80 6.44
N LYS B 49 -42.29 -19.28 7.20
CA LYS B 49 -43.02 -18.08 6.79
C LYS B 49 -42.10 -16.91 6.51
N ASP B 50 -40.98 -16.81 7.22
CA ASP B 50 -40.07 -15.68 7.08
C ASP B 50 -38.90 -15.98 6.16
N THR B 51 -38.94 -17.10 5.40
CA THR B 51 -37.85 -17.47 4.51
C THR B 51 -38.17 -17.11 3.06
N PRO B 52 -37.15 -17.05 2.18
CA PRO B 52 -37.43 -16.80 0.76
C PRO B 52 -38.02 -17.99 0.03
N TYR B 53 -37.96 -19.20 0.59
CA TYR B 53 -38.41 -20.39 -0.14
C TYR B 53 -39.90 -20.34 -0.45
N VAL B 54 -40.71 -19.78 0.46
CA VAL B 54 -42.16 -19.73 0.28
C VAL B 54 -42.59 -18.72 -0.78
N GLN B 55 -41.66 -17.96 -1.36
CA GLN B 55 -41.92 -17.08 -2.49
C GLN B 55 -41.53 -17.70 -3.81
N ASP B 56 -40.88 -18.87 -3.78
CA ASP B 56 -40.43 -19.56 -4.98
C ASP B 56 -41.58 -20.34 -5.58
N PRO B 57 -42.00 -20.04 -6.81
CA PRO B 57 -43.19 -20.71 -7.35
C PRO B 57 -43.00 -22.20 -7.56
N VAL B 58 -41.76 -22.67 -7.82
CA VAL B 58 -41.56 -24.11 -7.90
C VAL B 58 -41.74 -24.74 -6.53
N PHE B 59 -41.17 -24.10 -5.50
CA PHE B 59 -41.33 -24.56 -4.12
C PHE B 59 -42.80 -24.59 -3.73
N GLN B 60 -43.54 -23.54 -4.05
CA GLN B 60 -44.97 -23.51 -3.73
C GLN B 60 -45.72 -24.63 -4.42
N LYS B 61 -45.49 -24.79 -5.73
CA LYS B 61 -46.23 -25.80 -6.48
C LYS B 61 -45.96 -27.22 -5.96
N ASN B 62 -44.69 -27.52 -5.65
CA ASN B 62 -44.35 -28.83 -5.09
C ASN B 62 -45.01 -29.04 -3.73
N PHE B 63 -45.00 -28.02 -2.88
CA PHE B 63 -45.63 -28.17 -1.58
C PHE B 63 -47.12 -28.46 -1.75
N LEU B 64 -47.78 -27.69 -2.60
CA LEU B 64 -49.23 -27.86 -2.78
C LEU B 64 -49.56 -29.21 -3.39
N THR B 65 -48.64 -29.76 -4.18
CA THR B 65 -48.87 -31.09 -4.77
C THR B 65 -49.15 -32.10 -3.68
N ASP B 66 -48.34 -32.09 -2.62
CA ASP B 66 -48.59 -32.99 -1.50
C ASP B 66 -49.65 -32.44 -0.54
N PHE B 67 -49.74 -31.12 -0.38
CA PHE B 67 -50.73 -30.55 0.54
C PHE B 67 -52.15 -30.75 0.04
N LEU B 68 -52.42 -30.39 -1.22
CA LEU B 68 -53.78 -30.42 -1.73
C LEU B 68 -54.35 -31.83 -1.84
N LYS B 69 -53.48 -32.85 -1.93
CA LYS B 69 -53.92 -34.22 -2.02
C LYS B 69 -54.65 -34.70 -0.77
N THR B 70 -54.44 -34.04 0.37
CA THR B 70 -55.04 -34.46 1.62
C THR B 70 -56.47 -33.95 1.81
N PHE B 71 -57.02 -33.17 0.88
CA PHE B 71 -58.30 -32.52 1.05
C PHE B 71 -59.44 -33.24 0.32
N ASN B 72 -59.31 -34.55 0.14
CA ASN B 72 -60.41 -35.40 -0.31
C ASN B 72 -61.08 -34.89 -1.60
N GLY B 73 -60.28 -34.31 -2.51
CA GLY B 73 -60.78 -33.87 -3.80
C GLY B 73 -61.11 -32.40 -3.90
N ARG B 74 -61.24 -31.68 -2.77
CA ARG B 74 -61.50 -30.24 -2.80
C ARG B 74 -60.21 -29.46 -3.00
N PHE B 75 -60.35 -28.24 -3.49
CA PHE B 75 -59.27 -27.24 -3.53
C PHE B 75 -58.13 -27.61 -4.49
N GLN B 76 -58.38 -28.50 -5.46
N GLN B 76 -58.39 -28.50 -5.46
CA GLN B 76 -57.30 -28.96 -6.33
CA GLN B 76 -57.32 -28.95 -6.34
C GLN B 76 -56.70 -27.85 -7.19
C GLN B 76 -56.70 -27.83 -7.16
N ASP B 77 -57.40 -26.73 -7.36
CA ASP B 77 -56.90 -25.63 -8.17
C ASP B 77 -56.54 -24.40 -7.33
N VAL B 78 -56.37 -24.58 -6.03
CA VAL B 78 -56.00 -23.49 -5.14
C VAL B 78 -54.50 -23.22 -5.24
N THR B 79 -54.12 -21.94 -5.20
CA THR B 79 -52.72 -21.54 -5.11
C THR B 79 -52.43 -21.00 -3.72
N ILE B 80 -51.15 -20.78 -3.45
CA ILE B 80 -50.71 -20.45 -2.09
C ILE B 80 -51.33 -19.13 -1.65
N ASN B 81 -51.50 -18.19 -2.59
CA ASN B 81 -52.03 -16.86 -2.26
C ASN B 81 -53.49 -16.90 -1.81
N GLU B 82 -54.20 -17.98 -2.08
CA GLU B 82 -55.59 -18.13 -1.66
C GLU B 82 -55.75 -18.88 -0.34
N ILE B 83 -54.65 -19.26 0.31
CA ILE B 83 -54.70 -19.90 1.61
C ILE B 83 -54.23 -18.89 2.65
N ASP B 84 -55.03 -18.73 3.70
CA ASP B 84 -54.70 -17.86 4.83
C ASP B 84 -54.15 -18.75 5.94
N PHE B 85 -52.83 -18.71 6.13
CA PHE B 85 -52.18 -19.47 7.17
C PHE B 85 -52.05 -18.71 8.50
N SER B 86 -52.70 -17.55 8.63
CA SER B 86 -52.37 -16.65 9.75
C SER B 86 -52.56 -17.32 11.11
N GLU B 87 -53.53 -18.22 11.25
CA GLU B 87 -53.68 -18.92 12.52
C GLU B 87 -52.44 -19.77 12.81
N VAL B 88 -51.90 -20.42 11.79
CA VAL B 88 -50.72 -21.27 11.99
C VAL B 88 -49.49 -20.42 12.25
N TYR B 89 -49.38 -19.28 11.55
CA TYR B 89 -48.29 -18.33 11.81
C TYR B 89 -48.33 -17.82 13.24
N GLU B 90 -49.53 -17.54 13.75
CA GLU B 90 -49.66 -17.01 15.11
C GLU B 90 -49.23 -18.02 16.15
N TYR B 91 -49.57 -19.30 15.93
CA TYR B 91 -49.11 -20.35 16.83
C TYR B 91 -47.59 -20.41 16.83
N VAL B 92 -46.99 -20.41 15.63
CA VAL B 92 -45.54 -20.47 15.50
C VAL B 92 -44.88 -19.31 16.23
N GLU B 93 -45.37 -18.08 15.98
CA GLU B 93 -44.80 -16.92 16.64
C GLU B 93 -44.94 -17.01 18.15
N ARG B 94 -46.08 -17.51 18.61
CA ARG B 94 -46.28 -17.68 20.05
CA ARG B 94 -46.28 -17.68 20.04
C ARG B 94 -45.28 -18.67 20.62
N GLU B 95 -45.10 -19.82 19.96
CA GLU B 95 -44.12 -20.80 20.41
C GLU B 95 -42.70 -20.24 20.34
N ARG B 96 -42.43 -19.36 19.36
CA ARG B 96 -41.11 -18.75 19.26
C ARG B 96 -40.86 -17.84 20.45
N GLN B 97 -41.85 -17.01 20.79
CA GLN B 97 -41.74 -16.14 21.96
C GLN B 97 -41.61 -16.95 23.24
N LEU B 98 -42.41 -17.99 23.39
CA LEU B 98 -42.33 -18.84 24.58
C LEU B 98 -40.96 -19.48 24.70
N LYS B 99 -40.36 -19.87 23.57
CA LYS B 99 -39.05 -20.51 23.62
C LYS B 99 -37.96 -19.52 24.02
N ALA B 100 -38.08 -18.26 23.61
CA ALA B 100 -37.15 -17.22 24.03
C ALA B 100 -37.45 -16.67 25.43
N ASP B 101 -38.50 -17.15 26.08
CA ASP B 101 -38.85 -16.70 27.43
C ASP B 101 -38.60 -17.74 28.50
N LYS B 102 -38.65 -19.03 28.17
CA LYS B 102 -38.44 -20.06 29.18
C LYS B 102 -36.94 -20.17 29.41
N GLU B 103 -36.48 -19.45 30.44
CA GLU B 103 -35.09 -19.45 30.87
C GLU B 103 -34.81 -20.50 31.93
N TYR B 104 -35.84 -21.23 32.37
CA TYR B 104 -35.71 -22.43 33.19
C TYR B 104 -34.73 -22.32 34.35
N SER B 109 -36.84 -25.96 33.92
CA SER B 109 -37.25 -27.28 33.47
C SER B 109 -36.19 -27.85 32.51
N ALA B 110 -34.98 -28.00 33.04
CA ALA B 110 -33.84 -28.49 32.28
C ALA B 110 -33.74 -30.01 32.28
N GLU B 111 -34.85 -30.71 32.52
CA GLU B 111 -34.86 -32.17 32.54
C GLU B 111 -34.76 -32.76 31.13
N ARG B 112 -34.72 -31.90 30.10
CA ARG B 112 -34.47 -32.39 28.76
C ARG B 112 -33.06 -32.97 28.61
N LYS B 113 -32.08 -32.47 29.38
CA LYS B 113 -30.75 -33.04 29.32
C LYS B 113 -30.77 -34.51 29.75
N ARG B 114 -31.60 -34.86 30.73
CA ARG B 114 -31.71 -36.27 31.11
C ARG B 114 -32.35 -37.08 29.99
N LEU B 115 -33.31 -36.50 29.27
CA LEU B 115 -34.01 -37.22 28.21
C LEU B 115 -33.17 -37.24 26.93
N ARG B 116 -32.53 -36.12 26.59
CA ARG B 116 -31.61 -36.09 25.47
C ARG B 116 -30.43 -37.02 25.71
N GLU B 117 -29.84 -36.99 26.91
CA GLU B 117 -28.74 -37.89 27.24
C GLU B 117 -29.20 -39.34 27.26
N GLU B 118 -30.45 -39.59 27.68
CA GLU B 118 -30.94 -40.96 27.75
C GLU B 118 -31.03 -41.58 26.35
N LEU B 119 -31.46 -40.80 25.36
CA LEU B 119 -31.48 -41.28 23.98
C LEU B 119 -30.07 -41.56 23.48
N LYS B 120 -29.15 -40.62 23.68
CA LYS B 120 -27.78 -40.78 23.21
C LYS B 120 -27.15 -42.05 23.79
N ALA B 121 -27.30 -42.28 25.09
CA ALA B 121 -26.75 -43.51 25.67
C ALA B 121 -27.41 -44.75 25.09
N ARG B 122 -28.71 -44.67 24.78
CA ARG B 122 -29.44 -45.84 24.33
C ARG B 122 -29.13 -46.18 22.88
N TYR B 123 -29.09 -45.19 21.99
CA TYR B 123 -28.99 -45.45 20.56
C TYR B 123 -27.66 -45.07 19.94
N GLY B 124 -26.83 -44.27 20.62
CA GLY B 124 -25.69 -43.63 20.01
C GLY B 124 -24.42 -44.45 19.95
N TRP B 125 -24.45 -45.72 20.36
CA TRP B 125 -23.23 -46.50 20.47
C TRP B 125 -23.44 -47.88 19.91
N ALA B 126 -22.49 -48.32 19.08
CA ALA B 126 -22.47 -49.68 18.57
C ALA B 126 -21.19 -50.36 19.05
N GLU B 127 -21.24 -51.67 19.15
CA GLU B 127 -20.08 -52.43 19.60
C GLU B 127 -19.69 -53.38 18.48
N MSE B 128 -18.51 -53.13 17.89
CA MSE B 128 -18.04 -53.84 16.71
C MSE B 128 -16.74 -54.58 17.00
O MSE B 128 -15.70 -53.96 17.24
CB MSE B 128 -17.83 -52.88 15.53
CG MSE B 128 -17.17 -53.54 14.32
SE MSE B 128 -17.14 -52.47 12.67
CE MSE B 128 -15.94 -51.04 13.22
N ASP B 129 -16.82 -55.91 16.98
CA ASP B 129 -15.68 -56.79 17.27
C ASP B 129 -15.08 -56.48 18.65
N GLY B 130 -15.98 -56.34 19.63
CA GLY B 130 -15.60 -56.11 21.01
C GLY B 130 -15.28 -54.68 21.37
N LYS B 131 -15.22 -53.77 20.39
CA LYS B 131 -14.85 -52.38 20.62
C LYS B 131 -16.07 -51.48 20.56
N ARG B 132 -16.09 -50.46 21.42
CA ARG B 132 -17.20 -49.51 21.47
C ARG B 132 -16.99 -48.41 20.43
N PHE B 133 -18.04 -48.10 19.67
CA PHE B 133 -17.97 -47.13 18.59
C PHE B 133 -19.21 -46.25 18.59
N GLU B 134 -19.00 -44.95 18.37
CA GLU B 134 -20.11 -44.01 18.29
C GLU B 134 -20.81 -44.13 16.94
N ILE B 135 -22.14 -44.01 16.95
CA ILE B 135 -22.94 -44.03 15.73
C ILE B 135 -23.19 -42.59 15.29
N ALA B 136 -22.98 -42.32 14.00
CA ALA B 136 -23.04 -40.94 13.52
C ALA B 136 -24.48 -40.44 13.45
N ASN B 137 -25.36 -41.20 12.81
CA ASN B 137 -26.70 -40.71 12.50
C ASN B 137 -27.75 -41.75 12.94
N TRP B 138 -27.89 -41.91 14.26
CA TRP B 138 -28.85 -42.84 14.81
C TRP B 138 -30.27 -42.28 14.86
N MSE B 139 -30.43 -40.97 14.76
CA MSE B 139 -31.78 -40.38 14.69
C MSE B 139 -32.30 -40.41 13.26
O MSE B 139 -31.67 -39.90 12.35
CB MSE B 139 -31.79 -38.93 15.18
CG MSE B 139 -31.10 -38.66 16.50
SE MSE B 139 -31.26 -36.76 16.91
CE MSE B 139 -29.48 -36.45 17.65
N VAL B 140 -33.49 -40.99 13.07
CA VAL B 140 -34.22 -40.84 11.83
C VAL B 140 -34.93 -39.49 11.86
N GLU B 141 -34.64 -38.64 10.89
CA GLU B 141 -35.19 -37.29 10.87
C GLU B 141 -36.70 -37.33 10.70
N PRO B 142 -37.41 -36.37 11.28
CA PRO B 142 -38.86 -36.34 11.15
C PRO B 142 -39.24 -35.91 9.74
N PRO B 143 -40.49 -36.20 9.31
CA PRO B 143 -40.97 -35.71 8.01
C PRO B 143 -40.87 -34.19 7.94
N GLY B 144 -40.80 -33.65 6.73
CA GLY B 144 -40.70 -32.21 6.58
C GLY B 144 -40.62 -31.88 5.12
N ILE B 145 -40.43 -30.59 4.84
CA ILE B 145 -40.40 -30.11 3.46
C ILE B 145 -39.00 -30.34 2.91
N PHE B 146 -38.91 -30.93 1.72
CA PHE B 146 -37.61 -31.23 1.11
C PHE B 146 -36.91 -29.97 0.59
N MSE B 147 -35.61 -29.90 0.81
CA MSE B 147 -34.81 -28.81 0.28
C MSE B 147 -33.43 -29.32 -0.13
O MSE B 147 -32.86 -30.18 0.55
CB MSE B 147 -34.67 -27.73 1.33
CG MSE B 147 -34.30 -26.36 0.83
SE MSE B 147 -35.10 -25.03 2.03
CE MSE B 147 -36.31 -26.22 2.99
N GLY B 148 -32.90 -28.82 -1.24
CA GLY B 148 -31.52 -29.08 -1.61
C GLY B 148 -30.70 -27.80 -1.63
N ARG B 149 -29.82 -27.62 -2.62
CA ARG B 149 -28.92 -26.47 -2.65
C ARG B 149 -29.55 -25.22 -3.27
N GLY B 150 -30.80 -25.28 -3.71
CA GLY B 150 -31.45 -24.09 -4.23
C GLY B 150 -32.19 -24.31 -5.52
N ASN B 151 -31.74 -25.27 -6.33
CA ASN B 151 -32.41 -25.52 -7.61
C ASN B 151 -32.83 -26.98 -7.77
N HIS B 152 -33.06 -27.71 -6.68
CA HIS B 152 -33.48 -29.11 -6.79
C HIS B 152 -34.90 -29.18 -7.33
N PRO B 153 -35.18 -30.01 -8.34
CA PRO B 153 -36.55 -30.08 -8.91
C PRO B 153 -37.62 -30.53 -7.92
N LEU B 154 -37.27 -31.18 -6.83
CA LEU B 154 -38.27 -31.62 -5.87
C LEU B 154 -38.40 -30.68 -4.68
N ARG B 155 -37.77 -29.50 -4.73
CA ARG B 155 -37.81 -28.58 -3.58
C ARG B 155 -39.26 -28.20 -3.28
N GLY B 156 -39.62 -28.27 -1.99
CA GLY B 156 -40.98 -28.03 -1.54
C GLY B 156 -41.83 -29.27 -1.37
N ARG B 157 -41.45 -30.39 -1.97
CA ARG B 157 -42.19 -31.64 -1.78
C ARG B 157 -42.07 -32.13 -0.35
N TRP B 158 -43.08 -32.87 0.08
CA TRP B 158 -43.10 -33.47 1.42
C TRP B 158 -42.22 -34.70 1.47
N LYS B 159 -41.43 -34.82 2.53
CA LYS B 159 -40.67 -36.04 2.81
C LYS B 159 -41.48 -36.93 3.73
N PRO B 160 -42.07 -38.03 3.25
CA PRO B 160 -43.03 -38.77 4.07
C PRO B 160 -42.38 -39.46 5.28
N ARG B 161 -43.18 -39.62 6.33
CA ARG B 161 -42.70 -40.23 7.57
C ARG B 161 -42.15 -41.64 7.32
N VAL B 162 -41.01 -41.94 7.94
CA VAL B 162 -40.38 -43.25 7.86
C VAL B 162 -40.70 -44.04 9.13
N TYR B 163 -41.06 -45.32 8.97
CA TYR B 163 -41.43 -46.20 10.06
C TYR B 163 -40.41 -47.33 10.20
N GLU B 164 -40.46 -48.00 11.36
CA GLU B 164 -39.56 -49.12 11.63
C GLU B 164 -39.62 -50.18 10.54
N GLU B 165 -40.82 -50.47 10.01
CA GLU B 165 -40.97 -51.49 8.99
C GLU B 165 -40.23 -51.16 7.70
N ASP B 166 -39.91 -49.89 7.47
CA ASP B 166 -39.16 -49.54 6.27
C ASP B 166 -37.66 -49.77 6.45
N ILE B 167 -37.21 -50.07 7.66
CA ILE B 167 -35.80 -50.01 8.02
C ILE B 167 -35.25 -51.42 8.19
N THR B 168 -34.11 -51.68 7.59
CA THR B 168 -33.39 -52.94 7.75
C THR B 168 -32.16 -52.69 8.60
N LEU B 169 -31.94 -53.53 9.61
CA LEU B 169 -30.80 -53.39 10.50
C LEU B 169 -29.73 -54.42 10.16
N ASN B 170 -28.46 -54.00 10.25
CA ASN B 170 -27.34 -54.90 10.06
C ASN B 170 -26.80 -55.29 11.43
N LEU B 171 -26.82 -56.59 11.73
CA LEU B 171 -26.43 -57.10 13.04
C LEU B 171 -25.70 -58.43 12.89
N GLY B 172 -24.87 -58.74 13.87
CA GLY B 172 -24.31 -60.07 13.96
C GLY B 172 -25.37 -61.10 14.33
N GLU B 173 -25.11 -62.36 13.93
CA GLU B 173 -26.12 -63.39 14.11
C GLU B 173 -26.41 -63.65 15.59
N ASP B 174 -25.41 -63.48 16.46
CA ASP B 174 -25.58 -63.69 17.88
C ASP B 174 -25.94 -62.42 18.64
N ALA B 175 -26.12 -61.30 17.94
CA ALA B 175 -26.53 -60.06 18.58
C ALA B 175 -28.01 -60.12 18.96
N PRO B 176 -28.40 -59.47 20.06
CA PRO B 176 -29.83 -59.40 20.39
C PRO B 176 -30.54 -58.50 19.40
N VAL B 177 -31.69 -58.97 18.88
CA VAL B 177 -32.51 -58.14 18.02
C VAL B 177 -33.12 -57.04 18.89
N PRO B 178 -32.80 -55.78 18.64
CA PRO B 178 -33.33 -54.69 19.47
C PRO B 178 -34.83 -54.55 19.28
N PRO B 179 -35.53 -53.97 20.25
CA PRO B 179 -36.97 -53.77 20.09
C PRO B 179 -37.25 -52.90 18.88
N GLY B 180 -38.32 -53.22 18.17
CA GLY B 180 -38.72 -52.50 16.98
C GLY B 180 -39.30 -53.44 15.95
N ASN B 181 -40.27 -52.94 15.19
CA ASN B 181 -40.95 -53.71 14.15
C ASN B 181 -40.20 -53.59 12.82
N TRP B 182 -38.90 -53.90 12.88
CA TRP B 182 -38.02 -53.68 11.74
C TRP B 182 -38.48 -54.49 10.53
N GLY B 183 -38.25 -53.93 9.34
CA GLY B 183 -38.64 -54.62 8.13
C GLY B 183 -37.72 -55.77 7.78
N GLN B 184 -36.48 -55.73 8.25
CA GLN B 184 -35.51 -56.77 7.98
C GLN B 184 -34.35 -56.63 8.95
N ILE B 185 -33.78 -57.76 9.35
CA ILE B 185 -32.50 -57.79 10.07
C ILE B 185 -31.57 -58.64 9.23
N VAL B 186 -30.57 -58.00 8.63
CA VAL B 186 -29.63 -58.65 7.73
C VAL B 186 -28.31 -58.87 8.46
N HIS B 187 -27.66 -59.99 8.18
CA HIS B 187 -26.35 -60.30 8.75
C HIS B 187 -25.29 -60.15 7.67
N ASP B 188 -25.06 -58.90 7.25
CA ASP B 188 -24.15 -58.62 6.15
C ASP B 188 -22.79 -58.25 6.73
N HIS B 189 -22.01 -59.29 7.04
CA HIS B 189 -20.64 -59.10 7.50
C HIS B 189 -19.79 -58.36 6.48
N ASP B 190 -20.26 -58.28 5.23
CA ASP B 190 -19.52 -57.59 4.17
C ASP B 190 -19.60 -56.08 4.30
N SER B 191 -20.77 -55.54 4.58
CA SER B 191 -21.01 -54.10 4.54
C SER B 191 -20.92 -53.48 5.94
N MSE B 192 -20.42 -52.25 5.98
CA MSE B 192 -20.18 -51.53 7.22
C MSE B 192 -21.40 -50.81 7.80
O MSE B 192 -21.40 -50.44 8.98
CB MSE B 192 -19.08 -50.49 7.02
CG MSE B 192 -17.67 -51.02 7.11
SE MSE B 192 -16.41 -49.53 7.02
CE MSE B 192 -16.89 -48.81 5.27
N TRP B 193 -22.43 -50.59 7.00
CA TRP B 193 -23.56 -49.80 7.48
C TRP B 193 -24.35 -50.57 8.54
N LEU B 194 -25.06 -49.81 9.36
CA LEU B 194 -25.82 -50.31 10.51
C LEU B 194 -27.31 -50.39 10.24
N ALA B 195 -27.88 -49.45 9.48
CA ALA B 195 -29.28 -49.46 9.15
C ALA B 195 -29.45 -48.86 7.77
N ARG B 196 -30.57 -49.20 7.12
CA ARG B 196 -30.78 -48.85 5.72
C ARG B 196 -32.26 -48.66 5.49
N TRP B 197 -32.62 -47.71 4.63
CA TRP B 197 -33.99 -47.54 4.17
C TRP B 197 -34.01 -46.59 2.98
N ASP B 198 -35.09 -46.68 2.20
CA ASP B 198 -35.30 -45.80 1.05
C ASP B 198 -35.99 -44.52 1.49
N ASP B 199 -35.39 -43.39 1.11
CA ASP B 199 -36.08 -42.10 1.20
C ASP B 199 -37.38 -42.18 0.42
N LYS B 200 -38.50 -41.83 1.07
CA LYS B 200 -39.82 -42.01 0.46
C LYS B 200 -40.21 -40.90 -0.52
N LEU B 201 -39.38 -39.87 -0.68
CA LEU B 201 -39.57 -38.89 -1.75
C LEU B 201 -38.62 -39.15 -2.92
N THR B 202 -37.30 -39.16 -2.65
CA THR B 202 -36.30 -39.19 -3.72
C THR B 202 -35.98 -40.60 -4.20
N GLY B 203 -36.37 -41.63 -3.47
CA GLY B 203 -35.98 -43.00 -3.79
C GLY B 203 -34.55 -43.35 -3.48
N LYS B 204 -33.77 -42.42 -2.95
CA LYS B 204 -32.36 -42.68 -2.63
C LYS B 204 -32.27 -43.50 -1.36
N GLU B 205 -31.26 -44.38 -1.32
CA GLU B 205 -31.06 -45.23 -0.14
C GLU B 205 -30.37 -44.44 0.96
N LYS B 206 -30.87 -44.56 2.19
CA LYS B 206 -30.34 -43.88 3.36
C LYS B 206 -29.62 -44.90 4.25
N TYR B 207 -28.41 -44.56 4.69
CA TYR B 207 -27.57 -45.46 5.47
C TYR B 207 -27.19 -44.84 6.80
N VAL B 208 -27.06 -45.70 7.81
CA VAL B 208 -26.56 -45.31 9.14
C VAL B 208 -25.16 -45.87 9.29
N TRP B 209 -24.20 -44.99 9.57
CA TRP B 209 -22.79 -45.37 9.66
C TRP B 209 -22.25 -45.03 11.04
N LEU B 210 -21.21 -45.75 11.43
CA LEU B 210 -20.46 -45.40 12.62
C LEU B 210 -19.80 -44.04 12.43
N SER B 211 -19.61 -43.33 13.55
CA SER B 211 -18.81 -42.12 13.51
C SER B 211 -17.38 -42.44 13.06
N ASP B 212 -16.68 -41.41 12.61
CA ASP B 212 -15.29 -41.51 12.16
C ASP B 212 -15.12 -42.68 11.19
N THR B 213 -15.87 -42.60 10.09
CA THR B 213 -15.78 -43.54 8.99
C THR B 213 -15.67 -42.73 7.69
N ALA B 214 -15.25 -43.41 6.62
CA ALA B 214 -15.08 -42.72 5.35
C ALA B 214 -16.38 -42.11 4.86
N ASP B 215 -17.47 -42.87 4.95
CA ASP B 215 -18.73 -42.39 4.39
C ASP B 215 -19.25 -41.17 5.13
N ILE B 216 -19.10 -41.13 6.46
CA ILE B 216 -19.62 -40.01 7.23
C ILE B 216 -18.79 -38.75 7.02
N LYS B 217 -17.48 -38.90 6.89
CA LYS B 217 -16.66 -37.70 6.77
C LYS B 217 -16.76 -37.09 5.37
N GLN B 218 -16.88 -37.94 4.35
CA GLN B 218 -17.15 -37.46 3.00
C GLN B 218 -18.47 -36.70 2.95
N LYS B 219 -19.52 -37.28 3.55
CA LYS B 219 -20.82 -36.61 3.65
C LYS B 219 -20.71 -35.29 4.37
N ARG B 220 -20.02 -35.27 5.51
CA ARG B 220 -19.92 -34.03 6.27
C ARG B 220 -19.04 -33.01 5.55
N ASP B 221 -17.99 -33.47 4.87
CA ASP B 221 -17.15 -32.55 4.09
C ASP B 221 -17.98 -31.87 3.01
N LYS B 222 -18.70 -32.68 2.22
CA LYS B 222 -19.46 -32.12 1.12
C LYS B 222 -20.57 -31.21 1.63
N SER B 223 -21.14 -31.52 2.80
CA SER B 223 -22.21 -30.69 3.33
C SER B 223 -21.76 -29.25 3.58
N LYS B 224 -20.51 -29.07 4.02
CA LYS B 224 -20.01 -27.70 4.23
C LYS B 224 -19.99 -26.91 2.93
N TYR B 225 -19.42 -27.48 1.86
CA TYR B 225 -19.40 -26.78 0.59
C TYR B 225 -20.81 -26.59 0.01
N ASP B 226 -21.71 -27.55 0.25
CA ASP B 226 -23.09 -27.36 -0.18
C ASP B 226 -23.73 -26.16 0.53
N LYS B 227 -23.51 -26.00 1.84
CA LYS B 227 -24.05 -24.82 2.51
C LYS B 227 -23.49 -23.53 1.95
N ALA B 228 -22.18 -23.52 1.63
CA ALA B 228 -21.58 -22.33 1.02
C ALA B 228 -22.18 -22.03 -0.34
N GLU B 229 -22.49 -23.07 -1.13
CA GLU B 229 -23.09 -22.83 -2.44
C GLU B 229 -24.48 -22.23 -2.28
N MSE B 230 -25.24 -22.74 -1.33
CA MSE B 230 -26.55 -22.20 -1.01
C MSE B 230 -26.49 -20.73 -0.58
O MSE B 230 -27.36 -19.95 -0.92
CB MSE B 230 -27.17 -23.07 0.08
CG MSE B 230 -28.63 -22.75 0.37
SE MSE B 230 -29.20 -23.93 1.78
CE MSE B 230 -28.82 -25.56 0.80
N LEU B 231 -25.41 -20.37 0.14
CA LEU B 231 -25.27 -19.00 0.66
C LEU B 231 -25.30 -17.97 -0.45
N GLU B 232 -24.86 -18.35 -1.66
CA GLU B 232 -24.89 -17.44 -2.79
C GLU B 232 -26.29 -16.85 -2.98
N ASN B 233 -27.34 -17.62 -2.67
CA ASN B 233 -28.73 -17.20 -2.79
C ASN B 233 -29.20 -16.27 -1.69
N HIS B 234 -28.42 -16.14 -0.62
CA HIS B 234 -28.88 -15.43 0.57
C HIS B 234 -27.93 -14.34 1.02
N ILE B 235 -26.82 -14.10 0.29
CA ILE B 235 -25.77 -13.22 0.80
C ILE B 235 -26.26 -11.77 0.93
N ASP B 236 -27.12 -11.32 0.01
CA ASP B 236 -27.67 -9.96 0.12
C ASP B 236 -28.43 -9.79 1.43
N ARG B 237 -29.28 -10.76 1.76
CA ARG B 237 -30.07 -10.69 2.98
C ARG B 237 -29.18 -10.78 4.21
N VAL B 238 -28.21 -11.70 4.19
CA VAL B 238 -27.22 -11.75 5.27
C VAL B 238 -26.58 -10.39 5.49
N ARG B 239 -26.14 -9.75 4.41
CA ARG B 239 -25.48 -8.46 4.57
C ARG B 239 -26.45 -7.42 5.14
N GLU B 240 -27.70 -7.46 4.68
CA GLU B 240 -28.69 -6.53 5.21
C GLU B 240 -28.92 -6.73 6.70
N LYS B 241 -28.95 -7.99 7.14
CA LYS B 241 -29.16 -8.27 8.56
C LYS B 241 -27.93 -7.94 9.40
N ILE B 242 -26.73 -8.11 8.87
CA ILE B 242 -25.53 -7.63 9.58
C ILE B 242 -25.63 -6.13 9.82
N PHE B 243 -25.95 -5.36 8.78
CA PHE B 243 -26.05 -3.92 8.98
C PHE B 243 -27.20 -3.54 9.91
N LYS B 244 -28.33 -4.24 9.83
CA LYS B 244 -29.40 -3.98 10.78
C LYS B 244 -28.95 -4.27 12.21
N GLY B 245 -28.17 -5.34 12.40
CA GLY B 245 -27.63 -5.61 13.72
C GLY B 245 -26.72 -4.49 14.22
N LEU B 246 -25.95 -3.88 13.31
CA LEU B 246 -25.07 -2.78 13.72
C LEU B 246 -25.85 -1.56 14.19
N ARG B 247 -27.09 -1.41 13.72
CA ARG B 247 -27.97 -0.32 14.14
C ARG B 247 -28.85 -0.70 15.34
N SER B 248 -28.69 -1.90 15.88
CA SER B 248 -29.55 -2.41 16.94
C SER B 248 -29.37 -1.59 18.23
N LYS B 249 -30.44 -1.58 19.04
CA LYS B 249 -30.37 -0.96 20.36
C LYS B 249 -29.58 -1.78 21.35
N GLU B 250 -29.42 -3.09 21.12
CA GLU B 250 -28.77 -3.95 22.11
C GLU B 250 -27.26 -3.97 21.86
N PRO B 251 -26.43 -3.57 22.83
CA PRO B 251 -24.98 -3.53 22.58
C PRO B 251 -24.36 -4.89 22.26
N LYS B 252 -24.86 -5.98 22.83
CA LYS B 252 -24.35 -7.31 22.48
C LYS B 252 -24.58 -7.62 21.00
N MSE B 253 -25.75 -7.25 20.49
CA MSE B 253 -26.05 -7.44 19.10
C MSE B 253 -25.15 -6.60 18.20
O MSE B 253 -24.71 -7.06 17.15
CB MSE B 253 -27.51 -7.09 18.85
CG MSE B 253 -28.03 -7.44 17.49
SE MSE B 253 -29.73 -8.36 17.77
CE MSE B 253 -28.95 -10.02 18.46
N ARG B 254 -24.89 -5.35 18.60
CA ARG B 254 -24.01 -4.54 17.76
C ARG B 254 -22.63 -5.16 17.69
N GLU B 255 -22.11 -5.67 18.81
CA GLU B 255 -20.75 -6.20 18.77
C GLU B 255 -20.67 -7.45 17.90
N ILE B 256 -21.67 -8.34 18.05
CA ILE B 256 -21.73 -9.56 17.23
C ILE B 256 -21.81 -9.22 15.77
N ALA B 257 -22.73 -8.30 15.42
CA ALA B 257 -22.91 -7.91 14.03
C ALA B 257 -21.63 -7.33 13.46
N LEU B 258 -20.85 -6.62 14.26
CA LEU B 258 -19.61 -6.05 13.75
C LEU B 258 -18.57 -7.15 13.47
N ALA B 259 -18.49 -8.16 14.31
CA ALA B 259 -17.64 -9.30 13.99
C ALA B 259 -18.10 -9.95 12.69
N CYS B 260 -19.42 -10.08 12.49
CA CYS B 260 -19.90 -10.66 11.23
C CYS B 260 -19.59 -9.76 10.05
N TYR B 261 -19.71 -8.44 10.24
CA TYR B 261 -19.26 -7.52 9.21
C TYR B 261 -17.80 -7.76 8.82
N LEU B 262 -16.92 -8.04 9.80
CA LEU B 262 -15.52 -8.31 9.46
C LEU B 262 -15.36 -9.65 8.73
N ILE B 263 -16.23 -10.63 9.00
CA ILE B 263 -16.21 -11.84 8.16
C ILE B 263 -16.54 -11.47 6.72
N ASP B 264 -17.61 -10.70 6.53
CA ASP B 264 -18.02 -10.34 5.18
C ASP B 264 -16.95 -9.52 4.48
N ARG B 265 -16.43 -8.50 5.16
CA ARG B 265 -15.61 -7.51 4.48
C ARG B 265 -14.16 -7.94 4.36
N LEU B 266 -13.62 -8.60 5.37
CA LEU B 266 -12.20 -8.97 5.40
C LEU B 266 -11.99 -10.48 5.45
N ALA B 267 -13.07 -11.27 5.42
CA ALA B 267 -12.99 -12.72 5.60
C ALA B 267 -12.21 -13.07 6.88
N MSE B 268 -12.39 -12.25 7.91
CA MSE B 268 -11.69 -12.49 9.16
C MSE B 268 -12.36 -13.59 9.97
O MSE B 268 -13.58 -13.58 10.14
CB MSE B 268 -11.62 -11.22 10.02
CG MSE B 268 -10.60 -11.31 11.16
SE MSE B 268 -10.69 -9.63 12.17
CE MSE B 268 -9.74 -8.50 10.88
N ARG B 269 -11.57 -14.53 10.47
CA ARG B 269 -12.13 -15.59 11.30
C ARG B 269 -12.53 -15.02 12.66
N VAL B 270 -13.34 -15.78 13.39
CA VAL B 270 -13.85 -15.29 14.69
C VAL B 270 -12.70 -15.11 15.67
N GLY B 271 -11.75 -16.04 15.67
CA GLY B 271 -10.53 -15.90 16.45
C GLY B 271 -10.35 -16.96 17.51
N ASP B 272 -11.37 -17.74 17.82
CA ASP B 272 -11.29 -18.76 18.86
C ASP B 272 -11.10 -20.17 18.32
N GLU B 273 -11.02 -20.37 17.01
CA GLU B 273 -10.77 -21.72 16.52
C GLU B 273 -9.33 -22.12 16.76
N LYS B 274 -9.14 -23.36 17.20
CA LYS B 274 -7.85 -23.83 17.68
C LYS B 274 -6.97 -24.46 16.60
N ASP B 275 -7.54 -24.80 15.44
CA ASP B 275 -6.78 -25.47 14.39
C ASP B 275 -5.48 -24.72 14.12
N PRO B 276 -4.32 -25.40 14.18
CA PRO B 276 -3.04 -24.70 14.01
C PRO B 276 -2.86 -24.07 12.63
N ASP B 277 -3.60 -24.51 11.61
CA ASP B 277 -3.42 -23.95 10.28
C ASP B 277 -3.73 -22.45 10.27
N GLU B 278 -4.66 -22.02 11.12
CA GLU B 278 -5.06 -20.62 11.18
C GLU B 278 -4.92 -20.01 12.56
N ALA B 279 -4.48 -20.77 13.57
CA ALA B 279 -4.51 -20.26 14.95
C ALA B 279 -3.62 -19.05 15.15
N ASP B 280 -2.64 -18.81 14.29
CA ASP B 280 -1.77 -17.66 14.42
C ASP B 280 -2.18 -16.49 13.52
N THR B 281 -3.20 -16.66 12.68
CA THR B 281 -3.61 -15.57 11.81
C THR B 281 -4.56 -14.67 12.59
N VAL B 282 -4.76 -13.46 12.06
CA VAL B 282 -5.60 -12.47 12.73
C VAL B 282 -7.01 -13.04 12.87
N GLY B 283 -7.67 -12.71 13.97
CA GLY B 283 -9.08 -12.99 14.11
C GLY B 283 -9.71 -11.91 14.95
N ALA B 284 -11.05 -11.88 14.91
CA ALA B 284 -11.78 -10.81 15.57
C ALA B 284 -11.42 -10.73 17.05
N THR B 285 -11.36 -11.88 17.74
CA THR B 285 -11.06 -11.88 19.17
C THR B 285 -9.59 -11.62 19.48
N THR B 286 -8.71 -11.60 18.50
CA THR B 286 -7.35 -11.27 18.87
C THR B 286 -6.98 -9.85 18.49
N LEU B 287 -7.94 -9.07 18.01
CA LEU B 287 -7.69 -7.67 17.68
C LEU B 287 -7.64 -6.86 18.98
N ARG B 288 -6.59 -6.07 19.12
CA ARG B 288 -6.45 -5.15 20.22
C ARG B 288 -6.57 -3.72 19.71
N VAL B 289 -6.81 -2.78 20.63
CA VAL B 289 -6.98 -1.38 20.26
C VAL B 289 -5.83 -0.90 19.38
N GLU B 290 -4.60 -1.32 19.70
CA GLU B 290 -3.41 -0.90 18.97
C GLU B 290 -3.37 -1.47 17.56
N HIS B 291 -4.23 -2.42 17.22
CA HIS B 291 -4.26 -2.99 15.87
C HIS B 291 -5.19 -2.23 14.93
N VAL B 292 -5.98 -1.30 15.43
CA VAL B 292 -7.03 -0.63 14.65
C VAL B 292 -6.85 0.87 14.75
N LYS B 293 -6.90 1.55 13.62
CA LYS B 293 -6.88 3.01 13.57
C LYS B 293 -8.10 3.48 12.77
N LEU B 294 -8.95 4.30 13.38
CA LEU B 294 -10.08 4.89 12.67
C LEU B 294 -9.68 6.26 12.13
N LEU B 295 -9.77 6.43 10.82
CA LEU B 295 -9.48 7.73 10.22
C LEU B 295 -10.74 8.25 9.53
N GLU B 296 -10.68 9.47 9.01
CA GLU B 296 -11.86 10.06 8.37
C GLU B 296 -12.38 9.19 7.23
N ASP B 297 -11.49 8.63 6.42
CA ASP B 297 -11.91 7.96 5.19
C ASP B 297 -11.66 6.46 5.19
N ARG B 298 -11.22 5.88 6.30
CA ARG B 298 -10.79 4.49 6.25
C ARG B 298 -10.61 3.96 7.67
N ILE B 299 -10.63 2.64 7.78
CA ILE B 299 -10.21 1.95 9.00
C ILE B 299 -8.99 1.10 8.64
N GLU B 300 -7.91 1.27 9.39
CA GLU B 300 -6.69 0.52 9.12
C GLU B 300 -6.51 -0.56 10.16
N PHE B 301 -6.15 -1.75 9.71
CA PHE B 301 -5.83 -2.88 10.57
C PHE B 301 -4.36 -3.24 10.40
N ASP B 302 -3.68 -3.49 11.52
CA ASP B 302 -2.23 -3.71 11.50
C ASP B 302 -1.93 -4.66 12.66
N PHE B 303 -1.72 -5.94 12.34
CA PHE B 303 -1.62 -7.02 13.33
C PHE B 303 -0.30 -7.75 13.19
N LEU B 304 0.46 -7.85 14.28
CA LEU B 304 1.70 -8.63 14.29
C LEU B 304 1.45 -9.91 15.09
N GLY B 305 1.54 -11.07 14.43
CA GLY B 305 1.19 -12.33 15.04
C GLY B 305 2.35 -12.96 15.80
N LYS B 306 2.07 -14.14 16.38
CA LYS B 306 3.08 -14.88 17.12
C LYS B 306 4.25 -15.26 16.23
N ASP B 307 3.97 -15.64 15.00
CA ASP B 307 4.97 -16.11 14.06
C ASP B 307 5.78 -14.99 13.43
N SER B 308 5.68 -13.77 13.99
CA SER B 308 6.35 -12.58 13.46
C SER B 308 5.87 -12.22 12.06
N VAL B 309 4.61 -12.50 11.74
CA VAL B 309 4.03 -12.09 10.46
C VAL B 309 3.21 -10.84 10.69
N ARG B 310 3.47 -9.80 9.91
CA ARG B 310 2.71 -8.57 9.98
C ARG B 310 1.63 -8.57 8.90
N TRP B 311 0.38 -8.44 9.33
CA TRP B 311 -0.76 -8.46 8.42
C TRP B 311 -1.39 -7.07 8.44
N GLN B 312 -1.61 -6.50 7.27
CA GLN B 312 -2.22 -5.17 7.16
C GLN B 312 -3.27 -5.18 6.08
N LYS B 313 -4.45 -4.63 6.39
CA LYS B 313 -5.50 -4.37 5.42
C LYS B 313 -6.21 -3.11 5.85
N SER B 314 -6.85 -2.45 4.91
CA SER B 314 -7.65 -1.30 5.27
C SER B 314 -9.01 -1.40 4.59
N ILE B 315 -9.99 -0.71 5.18
CA ILE B 315 -11.32 -0.60 4.60
C ILE B 315 -11.57 0.86 4.24
N ASP B 316 -11.81 1.13 2.96
CA ASP B 316 -12.23 2.45 2.52
C ASP B 316 -13.65 2.72 3.00
N LEU B 317 -13.85 3.74 3.84
CA LEU B 317 -15.20 3.96 4.38
C LEU B 317 -16.10 4.76 3.45
N ARG B 318 -15.58 5.20 2.29
CA ARG B 318 -16.33 6.07 1.38
C ARG B 318 -17.74 5.55 1.12
N ASN B 319 -17.88 4.28 0.77
CA ASN B 319 -19.20 3.72 0.47
C ASN B 319 -19.59 2.62 1.46
N GLU B 320 -19.11 2.71 2.74
CA GLU B 320 -19.63 1.79 3.74
C GLU B 320 -20.72 2.50 4.57
N PRO B 321 -21.66 1.77 5.16
CA PRO B 321 -22.71 2.42 5.94
C PRO B 321 -22.12 3.07 7.19
N PRO B 322 -22.70 4.18 7.66
CA PRO B 322 -22.09 4.89 8.81
C PRO B 322 -22.10 4.11 10.10
N GLU B 323 -22.98 3.12 10.25
CA GLU B 323 -23.03 2.34 11.47
C GLU B 323 -21.76 1.50 11.69
N VAL B 324 -20.94 1.30 10.65
CA VAL B 324 -19.70 0.54 10.82
C VAL B 324 -18.73 1.32 11.71
N ARG B 325 -18.44 2.56 11.33
CA ARG B 325 -17.58 3.38 12.17
C ARG B 325 -18.20 3.64 13.53
N GLN B 326 -19.52 3.79 13.58
CA GLN B 326 -20.22 4.06 14.83
C GLN B 326 -19.97 2.96 15.85
N VAL B 327 -20.07 1.69 15.42
CA VAL B 327 -19.85 0.61 16.38
C VAL B 327 -18.35 0.43 16.69
N PHE B 328 -17.47 0.66 15.72
CA PHE B 328 -16.04 0.64 16.05
C PHE B 328 -15.70 1.71 17.10
N GLU B 329 -16.22 2.93 16.93
CA GLU B 329 -15.98 3.96 17.94
C GLU B 329 -16.49 3.53 19.32
N GLU B 330 -17.69 2.96 19.35
CA GLU B 330 -18.29 2.48 20.60
C GLU B 330 -17.38 1.48 21.30
N LEU B 331 -16.83 0.51 20.55
CA LEU B 331 -16.02 -0.52 21.17
C LEU B 331 -14.63 -0.03 21.55
N LEU B 332 -14.08 0.96 20.83
CA LEU B 332 -12.76 1.45 21.20
C LEU B 332 -12.80 2.44 22.35
N GLU B 333 -13.95 3.07 22.58
CA GLU B 333 -14.04 4.20 23.51
C GLU B 333 -13.62 3.79 24.91
N GLY B 334 -12.66 4.53 25.46
CA GLY B 334 -12.23 4.34 26.84
C GLY B 334 -11.28 3.19 27.09
N LYS B 335 -10.80 2.51 26.05
CA LYS B 335 -9.92 1.37 26.21
C LYS B 335 -8.48 1.77 26.03
N LYS B 336 -7.59 1.05 26.71
CA LYS B 336 -6.15 1.25 26.53
C LYS B 336 -5.69 0.51 25.28
N GLU B 337 -4.49 0.86 24.82
CA GLU B 337 -4.02 0.33 23.54
C GLU B 337 -3.85 -1.19 23.55
N GLY B 338 -3.57 -1.78 24.72
CA GLY B 338 -3.44 -3.22 24.79
C GLY B 338 -4.73 -3.98 25.05
N ASP B 339 -5.87 -3.31 25.16
CA ASP B 339 -7.14 -3.96 25.43
C ASP B 339 -7.68 -4.69 24.20
N GLN B 340 -8.32 -5.82 24.44
CA GLN B 340 -9.06 -6.54 23.40
C GLN B 340 -10.27 -5.73 22.94
N ILE B 341 -10.53 -5.68 21.63
CA ILE B 341 -11.67 -4.92 21.11
C ILE B 341 -12.98 -5.68 21.32
N PHE B 342 -13.02 -6.96 20.92
CA PHE B 342 -14.24 -7.78 20.93
C PHE B 342 -14.22 -8.68 22.16
N GLN B 343 -14.72 -8.17 23.29
CA GLN B 343 -14.57 -8.92 24.53
C GLN B 343 -15.77 -9.81 24.84
N ASN B 344 -16.85 -9.72 24.06
CA ASN B 344 -18.08 -10.45 24.32
C ASN B 344 -18.42 -11.42 23.18
N ILE B 345 -17.44 -11.78 22.38
CA ILE B 345 -17.61 -12.52 21.13
C ILE B 345 -17.00 -13.91 21.30
N ASN B 346 -17.69 -14.92 20.77
CA ASN B 346 -17.04 -16.19 20.46
C ASN B 346 -17.80 -16.80 19.30
N SER B 347 -17.33 -17.96 18.83
CA SER B 347 -17.98 -18.58 17.67
C SER B 347 -19.43 -18.95 17.96
N ARG B 348 -19.77 -19.32 19.20
CA ARG B 348 -21.16 -19.68 19.48
C ARG B 348 -22.08 -18.48 19.25
N HIS B 349 -21.70 -17.31 19.78
CA HIS B 349 -22.54 -16.13 19.58
C HIS B 349 -22.62 -15.74 18.11
N VAL B 350 -21.48 -15.80 17.40
CA VAL B 350 -21.46 -15.42 15.99
C VAL B 350 -22.33 -16.38 15.17
N ASN B 351 -22.17 -17.67 15.41
CA ASN B 351 -22.94 -18.62 14.60
C ASN B 351 -24.42 -18.63 14.99
N ARG B 352 -24.76 -18.28 16.22
CA ARG B 352 -26.17 -18.12 16.57
C ARG B 352 -26.79 -16.95 15.80
N PHE B 353 -26.07 -15.84 15.69
CA PHE B 353 -26.55 -14.68 14.92
C PHE B 353 -26.73 -15.03 13.45
N LEU B 354 -25.69 -15.60 12.84
CA LEU B 354 -25.76 -16.00 11.43
C LEU B 354 -26.84 -17.06 11.20
N GLY B 355 -26.92 -18.03 12.12
CA GLY B 355 -27.87 -19.12 11.96
C GLY B 355 -29.32 -18.67 12.00
N LYS B 356 -29.60 -17.52 12.62
CA LYS B 356 -30.95 -16.98 12.60
C LYS B 356 -31.29 -16.36 11.26
N ILE B 357 -30.30 -16.00 10.44
CA ILE B 357 -30.58 -15.50 9.09
C ILE B 357 -30.76 -16.65 8.12
N VAL B 358 -29.79 -17.58 8.11
CA VAL B 358 -29.82 -18.75 7.26
C VAL B 358 -29.51 -19.95 8.15
N LYS B 359 -30.44 -20.88 8.26
CA LYS B 359 -30.20 -22.07 9.08
C LYS B 359 -28.96 -22.82 8.58
N GLY B 360 -28.08 -23.21 9.52
CA GLY B 360 -26.84 -23.89 9.21
C GLY B 360 -25.66 -22.97 8.88
N LEU B 361 -25.90 -21.68 8.72
CA LEU B 361 -24.82 -20.76 8.38
C LEU B 361 -23.92 -20.54 9.58
N THR B 362 -22.60 -20.66 9.36
CA THR B 362 -21.59 -20.48 10.39
C THR B 362 -20.48 -19.64 9.78
N ALA B 363 -19.60 -19.11 10.63
CA ALA B 363 -18.45 -18.36 10.12
C ALA B 363 -17.63 -19.22 9.15
N LYS B 364 -17.47 -20.51 9.43
CA LYS B 364 -16.67 -21.35 8.54
C LYS B 364 -17.35 -21.49 7.17
N VAL B 365 -18.67 -21.67 7.13
CA VAL B 365 -19.38 -21.73 5.85
C VAL B 365 -19.27 -20.41 5.12
N PHE B 366 -19.43 -19.29 5.85
CA PHE B 366 -19.32 -17.97 5.27
C PHE B 366 -17.94 -17.78 4.62
N ARG B 367 -16.87 -18.14 5.31
CA ARG B 367 -15.56 -17.96 4.68
C ARG B 367 -15.29 -18.96 3.55
N THR B 368 -15.95 -20.12 3.56
CA THR B 368 -15.86 -21.01 2.41
C THR B 368 -16.55 -20.41 1.20
N TYR B 369 -17.73 -19.82 1.40
CA TYR B 369 -18.38 -19.11 0.29
C TYR B 369 -17.48 -18.00 -0.24
N ILE B 370 -16.86 -17.24 0.66
CA ILE B 370 -16.01 -16.13 0.22
C ILE B 370 -14.85 -16.62 -0.63
N ALA B 371 -14.10 -17.60 -0.11
CA ALA B 371 -12.93 -18.10 -0.82
C ALA B 371 -13.35 -18.74 -2.13
N THR B 372 -14.44 -19.50 -2.11
CA THR B 372 -14.89 -20.18 -3.31
C THR B 372 -15.30 -19.17 -4.38
N LYS B 373 -16.01 -18.10 -3.98
CA LYS B 373 -16.40 -17.08 -4.95
C LYS B 373 -15.19 -16.37 -5.54
N ILE B 374 -14.19 -16.09 -4.70
CA ILE B 374 -12.98 -15.44 -5.22
C ILE B 374 -12.32 -16.28 -6.30
N VAL B 375 -12.18 -17.58 -6.04
CA VAL B 375 -11.56 -18.46 -7.03
C VAL B 375 -12.41 -18.53 -8.29
N LYS B 376 -13.74 -18.68 -8.11
CA LYS B 376 -14.63 -18.74 -9.29
C LYS B 376 -14.53 -17.48 -10.13
N ASP B 377 -14.57 -16.32 -9.46
CA ASP B 377 -14.56 -15.06 -10.19
C ASP B 377 -13.22 -14.84 -10.88
N PHE B 378 -12.13 -15.23 -10.23
CA PHE B 378 -10.80 -15.08 -10.83
C PHE B 378 -10.70 -15.91 -12.11
N LEU B 379 -11.10 -17.18 -12.04
CA LEU B 379 -11.00 -18.04 -13.21
C LEU B 379 -11.98 -17.64 -14.30
N ALA B 380 -13.19 -17.21 -13.93
CA ALA B 380 -14.17 -16.78 -14.94
C ALA B 380 -13.68 -15.59 -15.77
N ALA B 381 -12.81 -14.77 -15.20
CA ALA B 381 -12.30 -13.60 -15.90
C ALA B 381 -11.20 -13.92 -16.91
N ILE B 382 -10.70 -15.15 -16.96
CA ILE B 382 -9.61 -15.52 -17.85
C ILE B 382 -10.21 -15.97 -19.19
N PRO B 383 -9.88 -15.32 -20.30
CA PRO B 383 -10.34 -15.81 -21.60
C PRO B 383 -9.79 -17.21 -21.85
N ARG B 384 -10.67 -18.13 -22.26
CA ARG B 384 -10.26 -19.50 -22.49
C ARG B 384 -9.07 -19.57 -23.49
N GLU B 385 -8.96 -18.62 -24.40
N GLU B 385 -8.99 -18.60 -24.41
CA GLU B 385 -7.84 -18.65 -25.33
CA GLU B 385 -7.85 -18.56 -25.35
C GLU B 385 -6.50 -18.45 -24.65
C GLU B 385 -6.50 -18.45 -24.64
N LYS B 386 -6.47 -17.88 -23.43
CA LYS B 386 -5.21 -17.72 -22.74
C LYS B 386 -4.72 -18.99 -22.06
N VAL B 387 -5.55 -20.02 -21.97
CA VAL B 387 -5.19 -21.25 -21.26
C VAL B 387 -4.68 -22.22 -22.33
N THR B 388 -3.38 -22.13 -22.62
CA THR B 388 -2.79 -22.79 -23.79
C THR B 388 -2.15 -24.13 -23.48
N SER B 389 -2.04 -24.50 -22.21
CA SER B 389 -1.35 -25.73 -21.88
C SER B 389 -1.75 -26.15 -20.48
N GLN B 390 -1.40 -27.40 -20.15
CA GLN B 390 -1.59 -27.88 -18.78
C GLN B 390 -0.87 -26.98 -17.78
N GLU B 391 0.36 -26.58 -18.07
CA GLU B 391 1.11 -25.74 -17.13
C GLU B 391 0.45 -24.38 -16.94
N LYS B 392 -0.08 -23.80 -18.00
CA LYS B 392 -0.78 -22.52 -17.86
C LYS B 392 -2.06 -22.68 -17.05
N PHE B 393 -2.76 -23.78 -17.28
CA PHE B 393 -3.96 -24.11 -16.51
C PHE B 393 -3.65 -24.20 -15.02
N ILE B 394 -2.58 -24.90 -14.64
CA ILE B 394 -2.20 -25.02 -13.25
C ILE B 394 -1.79 -23.65 -12.69
N TYR B 395 -1.05 -22.88 -13.48
CA TYR B 395 -0.62 -21.55 -13.06
C TYR B 395 -1.81 -20.66 -12.68
N TYR B 396 -2.82 -20.59 -13.55
CA TYR B 396 -4.01 -19.80 -13.24
C TYR B 396 -4.76 -20.35 -12.03
N ALA B 397 -4.90 -21.68 -11.94
CA ALA B 397 -5.53 -22.27 -10.77
C ALA B 397 -4.81 -21.86 -9.49
N LYS B 398 -3.47 -21.80 -9.53
CA LYS B 398 -2.72 -21.45 -8.34
C LYS B 398 -2.83 -19.97 -8.03
N LEU B 399 -2.84 -19.12 -9.05
CA LEU B 399 -3.04 -17.69 -8.78
C LEU B 399 -4.41 -17.44 -8.18
N ALA B 400 -5.42 -18.22 -8.59
CA ALA B 400 -6.72 -18.08 -7.96
C ALA B 400 -6.68 -18.52 -6.49
N ASN B 401 -5.98 -19.62 -6.22
CA ASN B 401 -5.73 -20.10 -4.85
C ASN B 401 -5.05 -19.01 -4.02
N LEU B 402 -4.04 -18.35 -4.60
CA LEU B 402 -3.36 -17.24 -3.94
C LEU B 402 -4.31 -16.08 -3.62
N LYS B 403 -5.18 -15.72 -4.55
CA LYS B 403 -6.13 -14.63 -4.27
C LYS B 403 -7.02 -14.99 -3.07
N ALA B 404 -7.45 -16.24 -2.99
CA ALA B 404 -8.26 -16.66 -1.84
C ALA B 404 -7.45 -16.65 -0.56
N ALA B 405 -6.18 -17.12 -0.62
CA ALA B 405 -5.32 -17.10 0.57
C ALA B 405 -5.18 -15.69 1.12
N GLU B 406 -4.89 -14.71 0.26
CA GLU B 406 -4.75 -13.34 0.75
C GLU B 406 -6.08 -12.81 1.28
N ALA B 407 -7.19 -13.15 0.62
CA ALA B 407 -8.50 -12.69 1.07
C ALA B 407 -8.84 -13.24 2.44
N LEU B 408 -8.49 -14.50 2.73
CA LEU B 408 -8.78 -15.11 4.01
C LEU B 408 -7.67 -14.93 5.06
N ASN B 409 -6.67 -14.10 4.76
CA ASN B 409 -5.66 -13.70 5.75
C ASN B 409 -4.76 -14.85 6.14
N HIS B 410 -4.43 -15.69 5.17
CA HIS B 410 -3.56 -16.83 5.42
C HIS B 410 -2.11 -16.43 5.11
N LYS B 411 -1.67 -15.36 5.76
CA LYS B 411 -0.32 -14.86 5.56
C LYS B 411 0.66 -15.72 6.36
N ARG B 412 1.88 -15.87 5.83
CA ARG B 412 2.86 -16.74 6.45
C ARG B 412 4.22 -16.05 6.43
N ALA B 413 5.09 -16.49 7.34
CA ALA B 413 6.50 -16.15 7.23
C ALA B 413 7.06 -16.73 5.93
N PRO B 414 7.95 -16.01 5.25
CA PRO B 414 8.46 -16.52 3.99
C PRO B 414 9.22 -17.80 4.19
N PRO B 415 9.27 -18.67 3.18
CA PRO B 415 10.08 -19.88 3.30
C PRO B 415 11.52 -19.50 3.64
N LYS B 416 12.15 -20.33 4.48
CA LYS B 416 13.40 -19.95 5.12
C LYS B 416 14.46 -19.52 4.11
N ASN B 417 14.58 -20.22 2.98
CA ASN B 417 15.58 -19.93 1.98
C ASN B 417 14.95 -19.44 0.68
N TRP B 418 13.86 -18.68 0.81
CA TRP B 418 13.16 -18.16 -0.36
C TRP B 418 14.07 -17.30 -1.22
N GLU B 419 14.94 -16.51 -0.59
CA GLU B 419 15.75 -15.55 -1.33
C GLU B 419 16.61 -16.25 -2.38
N GLN B 420 17.34 -17.27 -1.97
CA GLN B 420 18.25 -17.94 -2.90
C GLN B 420 17.51 -18.86 -3.86
N SER B 421 16.41 -19.47 -3.41
CA SER B 421 15.65 -20.37 -4.29
C SER B 421 15.04 -19.62 -5.46
N ILE B 422 14.74 -18.33 -5.30
CA ILE B 422 14.23 -17.55 -6.42
C ILE B 422 15.35 -17.33 -7.44
N GLN B 423 16.54 -16.95 -6.97
CA GLN B 423 17.68 -16.87 -7.88
C GLN B 423 17.91 -18.21 -8.57
N LYS B 424 17.78 -19.31 -7.82
CA LYS B 424 17.92 -20.63 -8.41
C LYS B 424 16.89 -20.87 -9.51
N LYS B 425 15.62 -20.49 -9.27
CA LYS B 425 14.63 -20.51 -10.34
C LYS B 425 14.94 -19.46 -11.41
N GLU B 426 15.52 -18.34 -11.00
CA GLU B 426 16.00 -17.37 -11.99
C GLU B 426 17.21 -17.91 -12.74
N GLU B 427 18.07 -18.64 -12.04
CA GLU B 427 19.20 -19.31 -12.71
C GLU B 427 18.68 -20.38 -13.66
N ARG B 428 17.74 -21.21 -13.20
CA ARG B 428 17.19 -22.25 -14.04
C ARG B 428 16.55 -21.67 -15.30
N VAL B 429 15.73 -20.62 -15.14
CA VAL B 429 15.19 -19.94 -16.31
C VAL B 429 16.31 -19.46 -17.22
N LYS B 430 17.30 -18.78 -16.64
CA LYS B 430 18.43 -18.27 -17.42
C LYS B 430 19.14 -19.39 -18.17
N LYS B 431 19.47 -20.48 -17.47
CA LYS B 431 20.21 -21.57 -18.11
C LYS B 431 19.37 -22.26 -19.17
N LEU B 432 18.09 -22.51 -18.90
CA LEU B 432 17.21 -23.09 -19.91
C LEU B 432 16.99 -22.13 -21.08
N MSE B 433 17.00 -20.83 -20.79
CA MSE B 433 16.72 -19.78 -21.77
C MSE B 433 17.46 -19.97 -23.09
O MSE B 433 16.83 -20.02 -24.15
CB MSE B 433 17.08 -18.42 -21.16
CG MSE B 433 15.89 -17.62 -20.64
SE MSE B 433 15.48 -16.08 -21.78
CE MSE B 433 15.94 -14.64 -20.56
N GLN B 434 18.79 -20.11 -23.02
CA GLN B 434 19.61 -20.27 -24.21
C GLN B 434 20.18 -21.67 -24.37
N GLN B 435 19.93 -22.56 -23.40
CA GLN B 435 20.13 -23.99 -23.58
C GLN B 435 19.44 -24.49 -24.84
N LEU B 436 18.20 -24.04 -25.05
CA LEU B 436 17.41 -24.34 -26.25
C LEU B 436 17.73 -23.41 -27.41
N ARG B 437 18.46 -22.32 -27.18
CA ARG B 437 18.89 -21.46 -28.28
C ARG B 437 20.02 -22.07 -29.08
N GLU B 438 20.75 -23.03 -28.50
CA GLU B 438 21.90 -23.68 -29.13
C GLU B 438 21.59 -25.14 -29.50
N ALA B 439 20.34 -25.44 -29.80
CA ALA B 439 19.90 -26.80 -30.12
C ALA B 439 18.95 -26.73 -31.31
N GLU B 440 19.46 -27.07 -32.51
CA GLU B 440 18.68 -26.95 -33.74
C GLU B 440 17.68 -28.09 -33.93
N SER B 441 17.96 -29.27 -33.39
CA SER B 441 16.99 -30.36 -33.41
C SER B 441 15.67 -29.91 -32.78
N GLU B 442 14.59 -29.98 -33.55
CA GLU B 442 13.31 -29.50 -33.02
C GLU B 442 12.73 -30.48 -32.00
N LYS B 443 13.02 -31.77 -32.11
CA LYS B 443 12.64 -32.69 -31.04
C LYS B 443 13.35 -32.31 -29.74
N LYS B 444 14.60 -31.85 -29.84
CA LYS B 444 15.31 -31.36 -28.67
C LYS B 444 14.91 -29.92 -28.33
N LYS B 445 14.79 -29.06 -29.36
CA LYS B 445 14.28 -27.70 -29.18
C LYS B 445 12.81 -27.67 -28.77
N ALA B 446 12.11 -28.80 -28.77
CA ALA B 446 10.74 -28.83 -28.26
C ALA B 446 10.67 -29.26 -26.80
N ARG B 447 11.36 -30.32 -26.41
CA ARG B 447 11.32 -30.72 -25.01
C ARG B 447 12.17 -29.81 -24.11
N ILE B 448 12.95 -28.88 -24.70
CA ILE B 448 13.45 -27.77 -23.88
C ILE B 448 12.42 -26.64 -23.78
N ALA B 449 11.64 -26.39 -24.85
CA ALA B 449 10.63 -25.34 -24.76
C ALA B 449 9.64 -25.63 -23.65
N GLU B 450 9.30 -26.91 -23.46
CA GLU B 450 8.29 -27.29 -22.48
C GLU B 450 8.76 -27.01 -21.06
N ARG B 451 10.01 -27.36 -20.72
CA ARG B 451 10.47 -27.04 -19.38
C ARG B 451 10.78 -25.56 -19.20
N LEU B 452 11.03 -24.82 -20.28
CA LEU B 452 11.24 -23.38 -20.11
C LEU B 452 9.97 -22.73 -19.58
N GLU B 453 8.84 -22.89 -20.30
CA GLU B 453 7.62 -22.23 -19.81
C GLU B 453 7.23 -22.73 -18.44
N LYS B 454 7.40 -24.03 -18.17
CA LYS B 454 7.16 -24.53 -16.82
C LYS B 454 8.03 -23.81 -15.79
N ALA B 455 9.28 -23.53 -16.14
CA ALA B 455 10.16 -22.81 -15.21
C ALA B 455 9.78 -21.33 -15.12
N GLU B 456 9.42 -20.71 -16.24
CA GLU B 456 9.04 -19.30 -16.25
C GLU B 456 7.75 -19.06 -15.47
N LEU B 457 6.74 -19.90 -15.68
CA LEU B 457 5.53 -19.81 -14.88
C LEU B 457 5.82 -20.14 -13.43
N ASN B 458 6.67 -21.15 -13.18
CA ASN B 458 6.91 -21.52 -11.79
C ASN B 458 7.68 -20.42 -11.06
N LEU B 459 8.45 -19.62 -11.79
CA LEU B 459 9.18 -18.52 -11.18
C LEU B 459 8.23 -17.39 -10.77
N ASP B 460 7.41 -16.93 -11.72
CA ASP B 460 6.41 -15.91 -11.43
C ASP B 460 5.56 -16.31 -10.25
N LEU B 461 5.11 -17.57 -10.23
CA LEU B 461 4.32 -18.07 -9.12
C LEU B 461 5.10 -18.05 -7.82
N ALA B 462 6.37 -18.46 -7.86
CA ALA B 462 7.15 -18.53 -6.63
C ALA B 462 7.35 -17.15 -6.02
N VAL B 463 7.51 -16.12 -6.85
CA VAL B 463 7.59 -14.75 -6.36
C VAL B 463 6.26 -14.35 -5.69
N LYS B 464 5.15 -14.68 -6.35
CA LYS B 464 3.84 -14.18 -5.89
C LYS B 464 3.37 -14.84 -4.60
N VAL B 465 3.73 -16.09 -4.33
CA VAL B 465 3.18 -16.83 -3.19
C VAL B 465 4.04 -16.73 -1.93
N ARG B 466 5.11 -15.95 -1.94
CA ARG B 466 6.06 -16.02 -0.82
C ARG B 466 5.38 -15.83 0.53
N ASP B 467 4.50 -14.83 0.64
CA ASP B 467 3.96 -14.48 1.95
C ASP B 467 2.65 -15.20 2.30
N TYR B 468 2.22 -16.16 1.48
CA TYR B 468 0.91 -16.75 1.70
C TYR B 468 0.96 -18.28 1.68
N ASN B 469 0.17 -18.87 2.60
CA ASN B 469 -0.05 -20.31 2.70
C ASN B 469 -1.30 -20.66 1.89
N LEU B 470 -1.10 -21.14 0.67
CA LEU B 470 -2.24 -21.50 -0.18
C LEU B 470 -2.92 -22.79 0.26
N ALA B 471 -2.21 -23.64 0.99
CA ALA B 471 -2.76 -24.95 1.34
C ALA B 471 -3.97 -24.84 2.25
N THR B 472 -4.01 -23.82 3.12
CA THR B 472 -5.10 -23.70 4.08
C THR B 472 -6.45 -23.56 3.34
N SER B 473 -6.52 -22.66 2.37
CA SER B 473 -7.81 -22.50 1.69
C SER B 473 -8.05 -23.63 0.68
N LEU B 474 -7.01 -24.14 0.03
CA LEU B 474 -7.21 -25.28 -0.87
C LEU B 474 -7.77 -26.48 -0.14
N ARG B 475 -7.29 -26.73 1.08
CA ARG B 475 -7.78 -27.86 1.86
C ARG B 475 -9.14 -27.59 2.48
N ASN B 476 -9.44 -26.36 2.88
CA ASN B 476 -10.58 -26.13 3.78
C ASN B 476 -11.66 -25.19 3.26
N TYR B 477 -11.35 -24.24 2.37
CA TYR B 477 -12.31 -23.18 2.07
C TYR B 477 -12.67 -23.03 0.59
N ILE B 478 -12.07 -23.81 -0.31
CA ILE B 478 -12.34 -23.68 -1.75
C ILE B 478 -13.07 -24.94 -2.23
N ASP B 479 -14.31 -24.76 -2.69
CA ASP B 479 -15.10 -25.90 -3.13
C ASP B 479 -14.37 -26.58 -4.29
N PRO B 480 -13.99 -27.86 -4.17
CA PRO B 480 -13.24 -28.51 -5.27
C PRO B 480 -14.04 -28.61 -6.55
N ARG B 481 -15.37 -28.48 -6.47
CA ARG B 481 -16.17 -28.42 -7.70
C ARG B 481 -15.75 -27.26 -8.60
N VAL B 482 -15.19 -26.19 -8.03
CA VAL B 482 -14.75 -25.09 -8.87
C VAL B 482 -13.59 -25.53 -9.77
N TYR B 483 -12.67 -26.29 -9.22
CA TYR B 483 -11.52 -26.72 -10.00
C TYR B 483 -11.87 -27.88 -10.93
N LYS B 484 -12.72 -28.81 -10.50
CA LYS B 484 -13.25 -29.80 -11.45
C LYS B 484 -13.94 -29.11 -12.64
N ALA B 485 -14.76 -28.08 -12.37
CA ALA B 485 -15.43 -27.35 -13.44
C ALA B 485 -14.43 -26.63 -14.34
N TRP B 486 -13.40 -26.02 -13.75
CA TRP B 486 -12.37 -25.35 -14.53
C TRP B 486 -11.66 -26.33 -15.45
N GLY B 487 -11.41 -27.55 -14.95
CA GLY B 487 -10.88 -28.59 -15.80
C GLY B 487 -11.79 -28.93 -16.95
N ARG B 488 -13.09 -29.14 -16.65
CA ARG B 488 -14.05 -29.45 -17.71
C ARG B 488 -14.22 -28.29 -18.68
N TYR B 489 -14.24 -27.05 -18.18
CA TYR B 489 -14.39 -25.89 -19.05
C TYR B 489 -13.23 -25.74 -20.03
N THR B 490 -11.99 -26.02 -19.59
CA THR B 490 -10.81 -25.80 -20.39
C THR B 490 -10.28 -27.05 -21.07
N GLY B 491 -10.55 -28.23 -20.53
CA GLY B 491 -10.07 -29.47 -21.08
C GLY B 491 -8.88 -30.09 -20.35
N TYR B 492 -8.29 -29.38 -19.39
CA TYR B 492 -7.02 -29.83 -18.79
C TYR B 492 -7.26 -30.63 -17.51
N GLU B 493 -6.17 -31.14 -16.92
CA GLU B 493 -6.23 -32.10 -15.82
C GLU B 493 -6.27 -31.36 -14.49
N TRP B 494 -7.49 -31.19 -13.95
CA TRP B 494 -7.65 -30.50 -12.68
C TRP B 494 -7.17 -31.32 -11.49
N ARG B 495 -7.08 -32.64 -11.61
CA ARG B 495 -6.61 -33.43 -10.47
C ARG B 495 -5.18 -33.09 -10.08
N LYS B 496 -4.40 -32.53 -10.98
CA LYS B 496 -3.03 -32.19 -10.64
C LYS B 496 -2.91 -30.91 -9.81
N ILE B 497 -4.02 -30.23 -9.58
CA ILE B 497 -4.06 -29.17 -8.59
C ILE B 497 -3.90 -29.71 -7.17
N TYR B 498 -4.21 -30.99 -6.95
CA TYR B 498 -4.34 -31.53 -5.60
C TYR B 498 -3.26 -32.56 -5.28
N THR B 499 -2.80 -32.55 -4.03
CA THR B 499 -2.00 -33.65 -3.52
C THR B 499 -2.84 -34.92 -3.46
N ALA B 500 -2.15 -36.07 -3.34
CA ALA B 500 -2.86 -37.33 -3.16
C ALA B 500 -3.76 -37.28 -1.94
N SER B 501 -3.30 -36.62 -0.87
CA SER B 501 -4.12 -36.50 0.33
C SER B 501 -5.42 -35.73 0.06
N LEU B 502 -5.32 -34.61 -0.66
CA LEU B 502 -6.54 -33.84 -0.92
C LEU B 502 -7.44 -34.54 -1.92
N LEU B 503 -6.88 -35.32 -2.85
CA LEU B 503 -7.73 -36.10 -3.74
C LEU B 503 -8.55 -37.14 -2.96
N ARG B 504 -7.99 -37.72 -1.90
CA ARG B 504 -8.79 -38.60 -1.06
C ARG B 504 -9.86 -37.80 -0.29
N LYS B 505 -9.49 -36.65 0.28
CA LYS B 505 -10.46 -35.84 1.01
C LYS B 505 -11.63 -35.45 0.13
N PHE B 506 -11.35 -35.13 -1.14
CA PHE B 506 -12.38 -34.68 -2.07
C PHE B 506 -12.81 -35.79 -3.01
N LYS B 507 -12.74 -37.05 -2.57
CA LYS B 507 -13.17 -38.14 -3.45
C LYS B 507 -14.61 -37.93 -3.92
N TRP B 508 -15.43 -37.34 -3.07
CA TRP B 508 -16.83 -37.08 -3.39
C TRP B 508 -17.01 -36.18 -4.62
N VAL B 509 -15.99 -35.38 -4.98
CA VAL B 509 -16.15 -34.47 -6.11
C VAL B 509 -16.21 -35.22 -7.42
N GLU B 510 -15.67 -36.44 -7.49
CA GLU B 510 -15.67 -37.18 -8.74
C GLU B 510 -17.11 -37.45 -9.23
N LYS B 511 -17.99 -37.82 -8.31
CA LYS B 511 -19.41 -38.06 -8.63
C LYS B 511 -20.25 -36.80 -8.68
N ALA B 512 -19.78 -35.69 -8.11
CA ALA B 512 -20.62 -34.53 -7.92
C ALA B 512 -20.84 -33.76 -9.22
N SER B 513 -22.07 -33.31 -9.43
CA SER B 513 -22.35 -32.36 -10.50
C SER B 513 -21.52 -31.08 -10.32
N VAL B 514 -21.00 -30.55 -11.44
CA VAL B 514 -20.38 -29.22 -11.41
C VAL B 514 -21.14 -28.24 -12.28
N LYS B 515 -22.39 -28.57 -12.63
CA LYS B 515 -23.19 -27.72 -13.50
C LYS B 515 -23.28 -26.31 -12.97
N HIS B 516 -23.44 -26.17 -11.65
CA HIS B 516 -23.62 -24.85 -11.05
C HIS B 516 -22.43 -23.93 -11.36
N VAL B 517 -21.20 -24.42 -11.25
CA VAL B 517 -20.05 -23.59 -11.55
C VAL B 517 -19.79 -23.53 -13.05
N LEU B 518 -19.94 -24.65 -13.75
CA LEU B 518 -19.56 -24.69 -15.16
C LEU B 518 -20.46 -23.77 -15.98
N GLN B 519 -21.73 -23.66 -15.59
CA GLN B 519 -22.63 -22.74 -16.27
C GLN B 519 -22.16 -21.30 -16.11
N TYR B 520 -21.54 -20.99 -14.97
CA TYR B 520 -21.00 -19.66 -14.74
C TYR B 520 -19.78 -19.40 -15.62
N PHE B 521 -18.87 -20.38 -15.77
CA PHE B 521 -17.73 -20.18 -16.67
C PHE B 521 -18.17 -20.03 -18.12
N ALA B 522 -19.22 -20.75 -18.51
CA ALA B 522 -19.61 -20.85 -19.92
C ALA B 522 -20.51 -19.70 -20.37
N GLU B 523 -20.76 -18.72 -19.50
CA GLU B 523 -21.73 -17.66 -19.82
C GLU B 523 -21.31 -16.82 -21.02
N LYS B 524 -20.01 -16.65 -21.26
CA LYS B 524 -19.47 -15.70 -22.25
C LYS B 524 -19.76 -14.25 -21.84
CL CL C . 30.25 20.76 6.97
CL CL D . 10.72 31.97 -12.16
CL CL E . 16.32 23.00 -18.25
CL CL F . 16.72 27.11 -23.61
CL CL G . 47.59 6.48 -40.89
CL CL H . 3.55 17.39 -6.13
CL CL I . -11.45 -18.87 14.17
CL CL J . -13.47 -34.73 -14.81
CL CL K . -31.38 -21.62 -1.24
CL CL L . -28.23 -38.68 14.90
CL CL M . -33.46 -26.83 -3.55
CL CL N . -28.15 -13.48 18.05
#